data_8KGB
#
_entry.id   8KGB
#
_cell.length_a   59.540
_cell.length_b   126.710
_cell.length_c   72.690
_cell.angle_alpha   90.00
_cell.angle_beta   90.25
_cell.angle_gamma   90.00
#
_symmetry.space_group_name_H-M   'P 1 21 1'
#
loop_
_entity.id
_entity.type
_entity.pdbx_description
1 polymer 'Dimethylallylcistransferase CPT1, chloroplastic,Dehydrodolichyl diphosphate synthase 2'
2 non-polymer 'GERANYL S-THIOLODIPHOSPHATE'
3 non-polymer '3-METHYLBUT-3-ENYL TRIHYDROGEN DIPHOSPHATE'
4 non-polymer 'MAGNESIUM ION'
5 water water
#
_entity_poly.entity_id   1
_entity_poly.type   'polypeptide(L)'
_entity_poly.pdbx_seq_one_letter_code
;GASARGLNKISCSLNLQTEKLCYEDNDNDLDEELMPKHIALIMDGNRRWAKDKGLEVYEGHKHIIPKLKEICDISSKLGI
QIITAFAFSTENWKRSKEEVDFLLSLFERSLKTEFQNLAKNNVRISIIGCKSDLPMTLQKCIALTEETTKGNKGLHLVIA
LNYGGYYDILQATKSIVNKAMNGLLDVEDINKNLFDQELESKCPNPDLLIRTGGEQRVSNFLLWQLAYTEFYFTNTLFPD
FGEEDLKEAIMNFQQRHRRFGGHTY
;
_entity_poly.pdbx_strand_id   A,B,C,D
#
loop_
_chem_comp.id
_chem_comp.type
_chem_comp.name
_chem_comp.formula
GST non-polymer 'GERANYL S-THIOLODIPHOSPHATE' 'C10 H20 O6 P2 S'
IPE non-polymer '3-METHYLBUT-3-ENYL TRIHYDROGEN DIPHOSPHATE' 'C5 H12 O7 P2'
MG non-polymer 'MAGNESIUM ION' 'Mg 2'
#
# COMPACT_ATOMS: atom_id res chain seq x y z
N ILE A 10 -5.38 0.99 46.12
CA ILE A 10 -6.22 -0.19 45.75
C ILE A 10 -5.32 -1.24 45.11
N SER A 11 -5.48 -2.49 45.51
CA SER A 11 -4.64 -3.62 45.05
C SER A 11 -5.24 -4.25 43.80
N CYS A 12 -4.41 -4.99 43.08
CA CYS A 12 -4.83 -5.80 41.91
C CYS A 12 -4.36 -7.22 42.12
N SER A 13 -5.11 -8.18 41.59
CA SER A 13 -4.64 -9.56 41.41
C SER A 13 -5.49 -10.22 40.33
N LEU A 14 -4.83 -10.76 39.30
CA LEU A 14 -5.51 -11.18 38.05
C LEU A 14 -5.15 -12.62 37.68
N ASN A 15 -4.19 -13.23 38.38
CA ASN A 15 -3.78 -14.63 38.13
C ASN A 15 -4.55 -15.60 39.03
N LEU A 16 -5.78 -15.25 39.42
CA LEU A 16 -6.55 -16.03 40.42
C LEU A 16 -7.36 -17.13 39.71
N THR A 18 -9.98 -17.49 35.72
CA THR A 18 -10.86 -17.19 36.89
C THR A 18 -12.11 -16.45 36.45
N GLU A 19 -11.93 -15.39 35.65
CA GLU A 19 -13.03 -14.70 34.97
C GLU A 19 -13.48 -15.59 33.80
N LYS A 20 -14.78 -15.84 33.70
CA LYS A 20 -15.34 -16.62 32.57
C LYS A 20 -15.73 -15.62 31.48
N LEU A 21 -15.46 -16.01 30.25
CA LEU A 21 -15.77 -15.19 29.07
C LEU A 21 -17.10 -15.72 28.51
N CYS A 22 -18.04 -14.82 28.24
CA CYS A 22 -19.41 -15.20 27.81
C CYS A 22 -19.44 -15.12 26.28
N TYR A 23 -18.78 -16.12 25.70
CA TYR A 23 -18.69 -16.37 24.25
C TYR A 23 -18.99 -17.85 24.04
N GLU A 24 -19.07 -18.29 22.79
CA GLU A 24 -19.24 -19.74 22.50
C GLU A 24 -17.93 -20.48 22.86
N LEU A 34 -19.89 -24.36 16.58
CA LEU A 34 -20.12 -24.40 15.10
C LEU A 34 -20.68 -23.05 14.63
N MET A 35 -21.77 -22.61 15.25
CA MET A 35 -22.60 -21.48 14.74
C MET A 35 -22.53 -20.33 15.74
N PRO A 36 -22.29 -19.09 15.29
CA PRO A 36 -22.32 -17.94 16.19
C PRO A 36 -23.69 -17.79 16.86
N LYS A 37 -23.70 -17.62 18.17
CA LYS A 37 -24.96 -17.36 18.89
C LYS A 37 -25.36 -15.89 18.74
N HIS A 38 -24.39 -14.97 18.75
CA HIS A 38 -24.64 -13.52 18.76
C HIS A 38 -23.80 -12.88 17.68
N ILE A 39 -24.46 -12.21 16.73
CA ILE A 39 -23.75 -11.45 15.67
C ILE A 39 -23.96 -9.97 15.89
N ALA A 40 -22.87 -9.23 15.77
CA ALA A 40 -22.85 -7.75 15.80
C ALA A 40 -22.61 -7.22 14.38
N LEU A 41 -23.24 -6.10 14.07
CA LEU A 41 -23.42 -5.62 12.68
C LEU A 41 -23.21 -4.11 12.66
N ILE A 42 -22.24 -3.65 11.91
CA ILE A 42 -22.04 -2.20 11.67
C ILE A 42 -22.56 -1.90 10.26
N MET A 43 -23.64 -1.14 10.14
CA MET A 43 -24.41 -1.01 8.86
C MET A 43 -23.89 0.22 8.11
N ASP A 44 -22.71 0.07 7.51
CA ASP A 44 -21.92 1.23 7.01
C ASP A 44 -21.89 1.21 5.49
N GLY A 45 -21.82 2.39 4.89
CA GLY A 45 -21.60 2.56 3.45
C GLY A 45 -22.85 2.96 2.67
N ASN A 46 -23.89 3.44 3.35
CA ASN A 46 -25.20 3.69 2.69
C ASN A 46 -25.13 4.94 1.81
N ARG A 47 -24.33 5.93 2.20
CA ARG A 47 -24.21 7.16 1.38
C ARG A 47 -23.48 6.82 0.08
N ARG A 48 -22.37 6.11 0.16
CA ARG A 48 -21.52 5.83 -1.02
C ARG A 48 -22.27 4.87 -1.96
N TRP A 49 -23.16 4.06 -1.42
CA TRP A 49 -23.98 3.15 -2.27
C TRP A 49 -24.88 3.99 -3.18
N ALA A 50 -25.43 5.09 -2.68
CA ALA A 50 -26.31 5.98 -3.46
C ALA A 50 -25.47 6.83 -4.42
N LYS A 51 -24.28 7.27 -4.00
CA LYS A 51 -23.40 8.08 -4.88
C LYS A 51 -23.00 7.23 -6.08
N ASP A 52 -22.62 5.99 -5.84
CA ASP A 52 -22.16 5.06 -6.92
C ASP A 52 -23.28 4.88 -7.93
N LYS A 53 -24.51 4.62 -7.49
CA LYS A 53 -25.65 4.40 -8.41
C LYS A 53 -26.25 5.73 -8.87
N GLY A 54 -25.60 6.85 -8.60
CA GLY A 54 -26.09 8.16 -9.06
C GLY A 54 -27.48 8.48 -8.51
N LEU A 55 -27.83 7.93 -7.36
CA LEU A 55 -29.15 8.14 -6.71
C LEU A 55 -29.10 9.36 -5.80
N GLU A 56 -30.26 9.74 -5.25
CA GLU A 56 -30.36 10.89 -4.32
C GLU A 56 -29.68 10.52 -2.99
N VAL A 57 -29.32 11.55 -2.23
CA VAL A 57 -28.29 11.43 -1.16
C VAL A 57 -28.72 10.41 -0.08
N TYR A 58 -30.00 10.31 0.27
CA TYR A 58 -30.43 9.47 1.42
C TYR A 58 -31.07 8.17 0.97
N GLU A 59 -31.00 7.85 -0.33
CA GLU A 59 -31.72 6.67 -0.88
C GLU A 59 -31.10 5.36 -0.41
N GLY A 60 -29.81 5.35 -0.06
CA GLY A 60 -29.18 4.16 0.53
C GLY A 60 -29.77 3.85 1.89
N HIS A 61 -29.95 4.87 2.73
CA HIS A 61 -30.41 4.71 4.13
C HIS A 61 -31.83 4.12 4.12
N LYS A 62 -32.59 4.34 3.05
CA LYS A 62 -33.97 3.83 2.96
C LYS A 62 -33.96 2.30 2.91
N HIS A 63 -32.81 1.68 2.61
CA HIS A 63 -32.70 0.21 2.55
C HIS A 63 -32.32 -0.39 3.90
N ILE A 64 -31.96 0.43 4.90
CA ILE A 64 -31.33 -0.10 6.14
C ILE A 64 -32.28 -1.13 6.78
N ILE A 65 -33.47 -0.70 7.17
CA ILE A 65 -34.35 -1.55 8.01
C ILE A 65 -34.86 -2.73 7.20
N PRO A 66 -35.29 -2.57 5.93
CA PRO A 66 -35.68 -3.74 5.14
C PRO A 66 -34.58 -4.81 5.05
N LYS A 67 -33.36 -4.40 4.72
CA LYS A 67 -32.23 -5.36 4.65
C LYS A 67 -32.02 -6.01 6.02
N LEU A 68 -32.10 -5.23 7.10
CA LEU A 68 -31.88 -5.78 8.45
C LEU A 68 -32.92 -6.86 8.75
N LYS A 69 -34.16 -6.68 8.30
CA LYS A 69 -35.21 -7.73 8.42
C LYS A 69 -34.79 -8.98 7.64
N GLU A 70 -34.30 -8.82 6.42
CA GLU A 70 -33.81 -9.94 5.58
C GLU A 70 -32.71 -10.70 6.33
N ILE A 71 -31.78 -9.97 6.92
CA ILE A 71 -30.65 -10.59 7.68
C ILE A 71 -31.20 -11.34 8.90
N CYS A 72 -32.15 -10.77 9.63
CA CYS A 72 -32.77 -11.47 10.78
C CYS A 72 -33.39 -12.79 10.32
N ASP A 73 -34.12 -12.76 9.20
CA ASP A 73 -34.81 -13.95 8.64
C ASP A 73 -33.79 -15.06 8.42
N ILE A 74 -32.74 -14.76 7.67
CA ILE A 74 -31.70 -15.75 7.35
C ILE A 74 -31.05 -16.23 8.65
N SER A 75 -30.64 -15.31 9.51
CA SER A 75 -29.88 -15.66 10.74
C SER A 75 -30.74 -16.55 11.63
N SER A 76 -32.05 -16.26 11.69
CA SER A 76 -32.98 -17.03 12.57
C SER A 76 -32.99 -18.49 12.15
N LYS A 77 -33.09 -18.74 10.83
CA LYS A 77 -33.18 -20.12 10.29
C LYS A 77 -31.88 -20.89 10.57
N LEU A 78 -30.74 -20.20 10.61
CA LEU A 78 -29.42 -20.86 10.86
C LEU A 78 -29.25 -21.16 12.35
N GLY A 79 -30.14 -20.68 13.22
CA GLY A 79 -30.03 -20.90 14.67
C GLY A 79 -29.37 -19.74 15.42
N ILE A 80 -29.10 -18.62 14.75
CA ILE A 80 -28.53 -17.43 15.42
C ILE A 80 -29.62 -16.81 16.31
N GLN A 81 -29.25 -16.50 17.56
CA GLN A 81 -30.22 -16.11 18.62
C GLN A 81 -30.24 -14.59 18.87
N ILE A 82 -29.15 -13.87 18.57
CA ILE A 82 -29.04 -12.41 18.88
C ILE A 82 -28.35 -11.69 17.73
N ILE A 83 -28.88 -10.52 17.38
CA ILE A 83 -28.18 -9.58 16.46
C ILE A 83 -28.23 -8.20 17.10
N THR A 84 -27.07 -7.57 17.21
CA THR A 84 -26.95 -6.15 17.65
C THR A 84 -26.49 -5.33 16.43
N ALA A 85 -27.31 -4.41 15.97
CA ALA A 85 -27.04 -3.64 14.72
C ALA A 85 -26.83 -2.16 15.06
N PHE A 86 -25.79 -1.58 14.51
CA PHE A 86 -25.37 -0.19 14.80
C PHE A 86 -26.13 0.71 13.83
N ALA A 87 -27.10 1.47 14.33
CA ALA A 87 -27.97 2.31 13.50
C ALA A 87 -27.62 3.80 13.61
N PHE A 88 -27.18 4.27 14.78
CA PHE A 88 -26.85 5.70 14.98
C PHE A 88 -25.91 5.81 16.17
N SER A 89 -24.70 6.31 15.94
CA SER A 89 -23.66 6.43 16.98
C SER A 89 -23.71 7.80 17.64
N THR A 90 -23.04 7.92 18.79
CA THR A 90 -23.06 9.19 19.55
C THR A 90 -22.21 10.24 18.83
N GLU A 91 -21.33 9.85 17.90
CA GLU A 91 -20.53 10.85 17.15
C GLU A 91 -21.27 11.31 15.90
N ASN A 92 -22.31 10.62 15.45
CA ASN A 92 -23.06 11.02 14.23
C ASN A 92 -23.76 12.37 14.46
N TRP A 93 -23.94 12.80 15.70
CA TRP A 93 -24.46 14.17 15.99
C TRP A 93 -23.60 15.26 15.34
N LYS A 94 -22.37 14.93 14.93
CA LYS A 94 -21.41 15.89 14.32
C LYS A 94 -21.87 16.26 12.91
N ARG A 95 -22.69 15.43 12.29
CA ARG A 95 -23.18 15.67 10.92
C ARG A 95 -24.14 16.87 10.94
N SER A 96 -24.58 17.27 9.76
CA SER A 96 -25.43 18.48 9.59
C SER A 96 -26.80 18.22 10.23
N LYS A 97 -27.39 19.28 10.79
CA LYS A 97 -28.77 19.26 11.33
C LYS A 97 -29.73 18.60 10.32
N GLU A 98 -29.56 18.89 9.03
CA GLU A 98 -30.46 18.40 7.97
C GLU A 98 -30.32 16.87 7.85
N GLU A 99 -29.09 16.35 7.85
CA GLU A 99 -28.88 14.89 7.74
C GLU A 99 -29.47 14.21 8.99
N VAL A 100 -29.15 14.72 10.17
CA VAL A 100 -29.60 14.06 11.42
C VAL A 100 -31.14 14.05 11.44
N ASP A 101 -31.78 15.19 11.18
CA ASP A 101 -33.27 15.25 11.18
C ASP A 101 -33.83 14.30 10.12
N PHE A 102 -33.27 14.29 8.92
CA PHE A 102 -33.82 13.46 7.82
C PHE A 102 -33.73 11.99 8.25
N LEU A 103 -32.57 11.58 8.73
CA LEU A 103 -32.34 10.14 9.01
C LEU A 103 -33.06 9.71 10.31
N LEU A 104 -33.19 10.57 11.33
CA LEU A 104 -34.00 10.19 12.51
C LEU A 104 -35.48 10.07 12.13
N SER A 105 -35.98 10.94 11.26
CA SER A 105 -37.37 10.80 10.73
C SER A 105 -37.48 9.52 9.90
N LEU A 106 -36.47 9.25 9.06
CA LEU A 106 -36.49 8.05 8.20
C LEU A 106 -36.51 6.80 9.07
N PHE A 107 -35.73 6.78 10.13
CA PHE A 107 -35.67 5.61 11.06
C PHE A 107 -37.05 5.38 11.65
N GLU A 108 -37.70 6.43 12.18
CA GLU A 108 -39.06 6.31 12.74
C GLU A 108 -40.01 5.71 11.69
N ARG A 109 -39.99 6.27 10.49
CA ARG A 109 -40.89 5.81 9.40
C ARG A 109 -40.64 4.33 9.06
N SER A 110 -39.40 3.95 8.77
CA SER A 110 -39.04 2.54 8.44
C SER A 110 -39.43 1.60 9.59
N LEU A 111 -39.26 2.03 10.84
CA LEU A 111 -39.63 1.19 12.00
C LEU A 111 -41.14 0.96 11.99
N LYS A 112 -41.92 1.92 11.50
CA LYS A 112 -43.40 1.74 11.44
C LYS A 112 -43.77 0.91 10.22
N THR A 113 -42.98 0.96 9.15
CA THR A 113 -43.28 0.27 7.88
C THR A 113 -43.00 -1.23 8.01
N GLU A 114 -41.84 -1.63 8.54
CA GLU A 114 -41.44 -3.07 8.58
C GLU A 114 -41.81 -3.72 9.91
N PHE A 115 -42.45 -3.00 10.85
CA PHE A 115 -42.79 -3.60 12.16
C PHE A 115 -43.47 -4.95 11.98
N GLN A 116 -44.54 -5.02 11.20
CA GLN A 116 -45.39 -6.24 11.16
C GLN A 116 -44.60 -7.40 10.54
N ASN A 117 -43.70 -7.11 9.61
CA ASN A 117 -42.75 -8.13 9.06
C ASN A 117 -41.86 -8.68 10.18
N LEU A 118 -41.30 -7.82 11.02
CA LEU A 118 -40.44 -8.27 12.17
C LEU A 118 -41.31 -9.03 13.18
N ALA A 119 -42.53 -8.57 13.46
CA ALA A 119 -43.40 -9.13 14.53
C ALA A 119 -43.89 -10.54 14.18
N LYS A 120 -44.17 -10.82 12.91
CA LYS A 120 -44.74 -12.12 12.49
C LYS A 120 -43.69 -13.23 12.57
N ASN A 121 -42.41 -12.87 12.46
CA ASN A 121 -41.26 -13.82 12.61
C ASN A 121 -40.96 -14.10 14.08
N ASN A 122 -41.73 -13.51 15.00
CA ASN A 122 -41.58 -13.67 16.47
C ASN A 122 -40.25 -13.07 16.92
N VAL A 123 -39.82 -11.99 16.27
CA VAL A 123 -38.59 -11.26 16.69
C VAL A 123 -38.92 -10.42 17.93
N ARG A 124 -38.04 -10.46 18.93
N ARG A 124 -38.04 -10.46 18.93
CA ARG A 124 -38.04 -9.52 20.07
CA ARG A 124 -38.07 -9.50 20.05
C ARG A 124 -37.13 -8.35 19.72
C ARG A 124 -37.14 -8.34 19.70
N ILE A 125 -37.63 -7.12 19.87
CA ILE A 125 -36.92 -5.90 19.45
C ILE A 125 -36.60 -5.07 20.70
N SER A 126 -35.33 -4.76 20.87
CA SER A 126 -34.83 -3.86 21.94
C SER A 126 -33.97 -2.77 21.32
N ILE A 127 -33.96 -1.62 21.97
CA ILE A 127 -33.12 -0.47 21.58
C ILE A 127 -32.15 -0.20 22.73
N ILE A 128 -30.88 0.01 22.40
CA ILE A 128 -29.87 0.52 23.38
C ILE A 128 -29.36 1.89 22.90
N GLY A 129 -28.93 2.69 23.88
CA GLY A 129 -28.53 4.08 23.63
C GLY A 129 -29.31 5.03 24.51
N CYS A 130 -28.98 6.30 24.42
CA CYS A 130 -29.66 7.36 25.21
C CYS A 130 -30.93 7.78 24.46
N LYS A 131 -32.09 7.33 24.95
N LYS A 131 -32.09 7.33 24.95
CA LYS A 131 -33.37 7.53 24.21
CA LYS A 131 -33.37 7.53 24.21
C LYS A 131 -33.87 8.95 24.40
C LYS A 131 -33.87 8.95 24.40
N SER A 132 -33.59 9.59 25.53
CA SER A 132 -34.15 10.93 25.87
C SER A 132 -33.65 12.01 24.90
N ASP A 133 -32.52 11.81 24.21
CA ASP A 133 -32.02 12.77 23.19
C ASP A 133 -32.79 12.64 21.88
N LEU A 134 -33.55 11.57 21.69
CA LEU A 134 -34.28 11.37 20.42
C LEU A 134 -35.56 12.19 20.44
N PRO A 135 -36.17 12.47 19.25
CA PRO A 135 -37.45 13.14 19.20
C PRO A 135 -38.53 12.34 19.94
N MET A 136 -39.45 13.05 20.59
CA MET A 136 -40.46 12.40 21.47
C MET A 136 -41.26 11.37 20.68
N THR A 137 -41.65 11.65 19.43
CA THR A 137 -42.43 10.69 18.65
C THR A 137 -41.66 9.38 18.47
N LEU A 138 -40.34 9.47 18.27
CA LEU A 138 -39.50 8.26 18.12
C LEU A 138 -39.37 7.57 19.47
N GLN A 139 -39.26 8.30 20.56
CA GLN A 139 -39.25 7.70 21.92
C GLN A 139 -40.54 6.88 22.13
N LYS A 140 -41.69 7.41 21.73
CA LYS A 140 -42.98 6.70 21.95
C LYS A 140 -43.04 5.47 21.06
N CYS A 141 -42.59 5.60 19.81
CA CYS A 141 -42.56 4.48 18.84
C CYS A 141 -41.66 3.35 19.37
N ILE A 142 -40.50 3.70 19.93
CA ILE A 142 -39.54 2.71 20.48
C ILE A 142 -40.17 2.03 21.69
N ALA A 143 -40.75 2.79 22.62
CA ALA A 143 -41.38 2.21 23.83
C ALA A 143 -42.50 1.24 23.41
N LEU A 144 -43.29 1.58 22.38
CA LEU A 144 -44.43 0.72 21.94
C LEU A 144 -43.88 -0.54 21.26
N THR A 145 -42.82 -0.41 20.46
CA THR A 145 -42.21 -1.58 19.78
C THR A 145 -41.66 -2.56 20.81
N GLU A 146 -40.96 -2.06 21.82
CA GLU A 146 -40.38 -2.91 22.88
C GLU A 146 -41.49 -3.62 23.63
N GLU A 147 -42.57 -2.91 23.98
CA GLU A 147 -43.68 -3.47 24.79
C GLU A 147 -44.36 -4.59 24.00
N THR A 148 -44.72 -4.32 22.75
CA THR A 148 -45.45 -5.27 21.89
C THR A 148 -44.65 -6.56 21.71
N THR A 149 -43.32 -6.50 21.67
CA THR A 149 -42.52 -7.67 21.24
C THR A 149 -41.77 -8.31 22.40
N LYS A 150 -41.81 -7.76 23.62
CA LYS A 150 -40.92 -8.24 24.70
C LYS A 150 -41.13 -9.74 24.99
N GLY A 151 -42.35 -10.26 24.80
CA GLY A 151 -42.63 -11.69 25.06
C GLY A 151 -42.28 -12.62 23.90
N ASN A 152 -42.01 -12.09 22.70
CA ASN A 152 -41.70 -12.93 21.52
C ASN A 152 -40.46 -13.79 21.78
N LYS A 153 -40.41 -14.96 21.13
CA LYS A 153 -39.49 -16.05 21.53
C LYS A 153 -38.46 -16.35 20.44
N GLY A 154 -38.52 -15.66 19.31
CA GLY A 154 -37.52 -15.86 18.24
C GLY A 154 -36.23 -15.09 18.46
N LEU A 155 -35.61 -14.68 17.36
CA LEU A 155 -34.35 -13.91 17.37
C LEU A 155 -34.54 -12.60 18.12
N HIS A 156 -33.58 -12.25 18.97
CA HIS A 156 -33.55 -10.94 19.67
C HIS A 156 -32.75 -9.95 18.82
N LEU A 157 -33.42 -8.98 18.22
CA LEU A 157 -32.76 -7.89 17.47
C LEU A 157 -32.57 -6.71 18.41
N VAL A 158 -31.33 -6.35 18.65
CA VAL A 158 -30.98 -5.15 19.46
C VAL A 158 -30.50 -4.08 18.48
N ILE A 159 -31.17 -2.94 18.48
CA ILE A 159 -30.82 -1.79 17.61
C ILE A 159 -30.11 -0.73 18.46
N ALA A 160 -28.85 -0.43 18.13
CA ALA A 160 -28.05 0.57 18.87
C ALA A 160 -28.28 1.95 18.24
N LEU A 161 -28.95 2.83 18.99
CA LEU A 161 -29.50 4.10 18.46
C LEU A 161 -29.15 5.22 19.43
N ASN A 162 -28.34 6.18 19.00
CA ASN A 162 -27.65 7.14 19.91
C ASN A 162 -26.84 6.35 20.95
N TYR A 163 -26.06 5.38 20.47
CA TYR A 163 -25.24 4.48 21.31
C TYR A 163 -23.77 4.72 21.00
N GLY A 164 -22.93 4.53 22.01
CA GLY A 164 -21.48 4.36 21.82
C GLY A 164 -20.86 3.59 22.97
N GLY A 165 -19.74 2.92 22.68
CA GLY A 165 -18.99 2.16 23.71
C GLY A 165 -18.56 3.03 24.88
N TYR A 166 -18.08 4.25 24.62
CA TYR A 166 -17.70 5.20 25.69
C TYR A 166 -18.90 5.45 26.60
N TYR A 167 -20.05 5.77 26.01
CA TYR A 167 -21.30 6.04 26.76
C TYR A 167 -21.65 4.82 27.63
N ASP A 168 -21.57 3.62 27.04
CA ASP A 168 -22.05 2.40 27.72
C ASP A 168 -21.20 2.20 28.97
N ILE A 169 -19.89 2.32 28.83
CA ILE A 169 -18.94 2.13 29.97
C ILE A 169 -19.16 3.25 30.99
N LEU A 170 -19.41 4.47 30.54
CA LEU A 170 -19.59 5.62 31.49
C LEU A 170 -20.88 5.42 32.31
N GLN A 171 -22.00 5.02 31.67
CA GLN A 171 -23.27 4.89 32.40
C GLN A 171 -23.20 3.70 33.36
N ALA A 172 -22.45 2.66 33.03
CA ALA A 172 -22.26 1.53 33.97
C ALA A 172 -21.41 2.02 35.17
N THR A 173 -20.37 2.81 34.92
CA THR A 173 -19.52 3.36 36.01
C THR A 173 -20.35 4.26 36.93
N LYS A 174 -21.20 5.09 36.36
CA LYS A 174 -22.04 5.96 37.20
C LYS A 174 -22.99 5.11 38.03
N SER A 175 -23.54 4.05 37.44
CA SER A 175 -24.53 3.18 38.13
C SER A 175 -23.83 2.48 39.30
N ILE A 176 -22.58 2.08 39.11
CA ILE A 176 -21.78 1.40 40.17
C ILE A 176 -21.43 2.42 41.26
N VAL A 177 -21.07 3.64 40.88
CA VAL A 177 -20.73 4.69 41.87
C VAL A 177 -21.95 4.94 42.76
N ASN A 178 -23.12 5.11 42.16
CA ASN A 178 -24.37 5.38 42.92
C ASN A 178 -24.64 4.21 43.89
N LYS A 179 -24.51 2.98 43.43
CA LYS A 179 -24.74 1.82 44.31
C LYS A 179 -23.78 1.93 45.49
N ALA A 180 -22.51 2.21 45.25
CA ALA A 180 -21.50 2.27 46.34
C ALA A 180 -21.89 3.38 47.33
N MET A 181 -22.33 4.51 46.78
CA MET A 181 -22.84 5.66 47.56
C MET A 181 -23.99 5.24 48.48
N ASN A 182 -24.84 4.31 48.05
CA ASN A 182 -26.04 3.92 48.83
C ASN A 182 -25.78 2.69 49.71
N GLY A 183 -24.54 2.30 49.89
CA GLY A 183 -24.19 1.17 50.77
C GLY A 183 -24.45 -0.19 50.14
N LEU A 184 -24.57 -0.28 48.82
CA LEU A 184 -24.96 -1.57 48.18
C LEU A 184 -23.75 -2.38 47.72
N LEU A 185 -22.55 -1.80 47.72
CA LEU A 185 -21.34 -2.58 47.37
C LEU A 185 -20.08 -1.88 47.83
N ASP A 186 -19.01 -2.66 47.94
CA ASP A 186 -17.65 -2.18 48.26
C ASP A 186 -16.83 -2.10 46.98
N VAL A 187 -15.72 -1.39 47.06
CA VAL A 187 -14.75 -1.28 45.94
C VAL A 187 -14.30 -2.68 45.52
N GLU A 188 -14.15 -3.59 46.48
CA GLU A 188 -13.59 -4.94 46.17
C GLU A 188 -14.65 -5.82 45.52
N ASP A 189 -15.93 -5.41 45.48
CA ASP A 189 -16.98 -6.20 44.78
C ASP A 189 -16.96 -5.90 43.27
N ILE A 190 -16.19 -4.90 42.82
CA ILE A 190 -16.22 -4.46 41.41
C ILE A 190 -15.36 -5.41 40.59
N ASN A 191 -16.00 -6.22 39.75
CA ASN A 191 -15.30 -7.21 38.89
C ASN A 191 -16.00 -7.34 37.55
N LYS A 192 -15.46 -8.17 36.68
CA LYS A 192 -16.01 -8.32 35.32
C LYS A 192 -17.51 -8.68 35.38
N ASN A 193 -17.95 -9.57 36.27
CA ASN A 193 -19.36 -10.03 36.30
C ASN A 193 -20.30 -8.88 36.63
N LEU A 194 -19.98 -8.10 37.65
CA LEU A 194 -20.80 -6.93 38.02
C LEU A 194 -20.86 -5.97 36.83
N PHE A 195 -19.72 -5.66 36.25
CA PHE A 195 -19.67 -4.69 35.12
C PHE A 195 -20.56 -5.19 33.97
N ASP A 196 -20.41 -6.46 33.58
CA ASP A 196 -21.21 -7.04 32.47
C ASP A 196 -22.68 -6.77 32.75
N GLN A 197 -23.14 -6.98 33.98
CA GLN A 197 -24.59 -6.84 34.21
C GLN A 197 -24.99 -5.35 34.32
N GLU A 198 -24.06 -4.41 34.39
CA GLU A 198 -24.45 -2.99 34.41
C GLU A 198 -24.45 -2.37 33.00
N LEU A 199 -23.79 -2.99 32.03
CA LEU A 199 -23.78 -2.48 30.63
C LEU A 199 -25.14 -2.72 29.97
N GLU A 200 -25.41 -1.98 28.91
CA GLU A 200 -26.69 -2.09 28.18
C GLU A 200 -26.62 -3.25 27.18
N SER A 201 -25.46 -3.50 26.58
CA SER A 201 -25.24 -4.73 25.78
C SER A 201 -24.60 -5.79 26.67
N LYS A 202 -25.31 -6.87 26.94
CA LYS A 202 -24.92 -7.84 28.01
C LYS A 202 -24.45 -9.17 27.44
N CYS A 203 -24.00 -10.05 28.34
CA CYS A 203 -23.73 -11.47 28.04
C CYS A 203 -25.02 -12.12 27.53
N PRO A 204 -24.96 -12.97 26.47
CA PRO A 204 -23.72 -13.35 25.80
C PRO A 204 -23.25 -12.33 24.75
N ASN A 205 -21.92 -12.12 24.71
CA ASN A 205 -21.23 -11.10 23.87
C ASN A 205 -21.14 -11.61 22.44
N PRO A 206 -20.93 -10.71 21.45
CA PRO A 206 -20.91 -11.11 20.05
C PRO A 206 -19.78 -12.10 19.74
N ASP A 207 -20.12 -13.18 19.04
CA ASP A 207 -19.12 -14.18 18.56
C ASP A 207 -18.49 -13.65 17.28
N LEU A 208 -19.26 -12.94 16.49
CA LEU A 208 -18.80 -12.41 15.19
C LEU A 208 -19.29 -10.98 15.03
N LEU A 209 -18.42 -10.13 14.53
CA LEU A 209 -18.77 -8.75 14.12
C LEU A 209 -18.61 -8.69 12.61
N ILE A 210 -19.65 -8.26 11.91
CA ILE A 210 -19.60 -7.98 10.45
C ILE A 210 -19.71 -6.47 10.27
N ARG A 211 -18.72 -5.88 9.62
CA ARG A 211 -18.77 -4.46 9.24
C ARG A 211 -18.75 -4.40 7.72
N THR A 212 -19.82 -3.88 7.14
CA THR A 212 -19.93 -3.55 5.70
C THR A 212 -19.30 -2.18 5.50
N GLY A 213 -18.97 -1.86 4.25
CA GLY A 213 -18.55 -0.49 3.88
C GLY A 213 -17.04 -0.33 3.79
N GLY A 214 -16.24 -1.39 3.98
CA GLY A 214 -14.81 -1.35 3.62
C GLY A 214 -13.87 -0.82 4.71
N GLU A 215 -14.36 -0.21 5.79
CA GLU A 215 -13.44 0.41 6.78
C GLU A 215 -13.01 -0.65 7.78
N GLN A 216 -11.74 -0.63 8.15
CA GLN A 216 -11.23 -1.61 9.14
C GLN A 216 -11.06 -0.88 10.47
N ARG A 217 -12.16 -0.81 11.19
CA ARG A 217 -12.26 -0.06 12.47
C ARG A 217 -13.63 -0.33 13.07
N VAL A 218 -13.76 0.09 14.33
CA VAL A 218 -14.90 -0.31 15.20
C VAL A 218 -15.80 0.92 15.49
N SER A 219 -15.29 2.13 15.31
CA SER A 219 -16.08 3.39 15.41
C SER A 219 -16.92 3.43 16.69
N ASN A 220 -16.31 3.13 17.83
CA ASN A 220 -16.98 3.37 19.14
C ASN A 220 -18.29 2.59 19.22
N PHE A 221 -18.33 1.37 18.67
CA PHE A 221 -19.45 0.43 18.83
C PHE A 221 -19.27 -0.29 20.19
N LEU A 222 -19.29 -1.62 20.23
CA LEU A 222 -19.39 -2.38 21.51
C LEU A 222 -17.98 -2.68 22.07
N LEU A 223 -17.30 -1.66 22.59
CA LEU A 223 -15.85 -1.74 22.94
C LEU A 223 -15.60 -2.84 23.97
N TRP A 224 -16.22 -2.80 25.13
CA TRP A 224 -16.07 -3.86 26.17
C TRP A 224 -16.52 -5.22 25.62
N GLN A 225 -17.65 -5.26 24.91
CA GLN A 225 -18.25 -6.54 24.49
C GLN A 225 -17.45 -7.23 23.39
N LEU A 226 -16.50 -6.55 22.76
CA LEU A 226 -15.83 -7.11 21.56
C LEU A 226 -14.46 -7.69 21.90
N ALA A 227 -14.12 -7.80 23.18
CA ALA A 227 -12.78 -8.21 23.69
C ALA A 227 -12.25 -9.46 22.96
N TYR A 228 -13.08 -10.49 22.74
CA TYR A 228 -12.61 -11.71 22.01
C TYR A 228 -13.48 -12.00 20.78
N THR A 229 -14.25 -11.01 20.33
CA THR A 229 -15.08 -11.15 19.12
C THR A 229 -14.17 -11.40 17.92
N GLU A 230 -14.62 -12.25 16.99
CA GLU A 230 -13.99 -12.43 15.66
C GLU A 230 -14.49 -11.33 14.75
N PHE A 231 -13.58 -10.66 14.05
CA PHE A 231 -13.93 -9.53 13.16
C PHE A 231 -13.99 -10.04 11.72
N TYR A 232 -15.00 -9.54 11.00
CA TYR A 232 -15.20 -9.76 9.56
C TYR A 232 -15.51 -8.42 8.89
N PHE A 233 -14.53 -7.87 8.21
CA PHE A 233 -14.66 -6.64 7.41
C PHE A 233 -14.88 -7.03 5.96
N THR A 234 -15.90 -6.48 5.35
CA THR A 234 -16.18 -6.70 3.92
C THR A 234 -16.24 -5.35 3.21
N ASN A 235 -15.93 -5.40 1.92
CA ASN A 235 -15.94 -4.22 1.04
C ASN A 235 -17.38 -3.92 0.58
N THR A 236 -18.24 -4.93 0.58
CA THR A 236 -19.67 -4.83 0.18
C THR A 236 -20.35 -3.69 0.94
N LEU A 237 -20.94 -2.73 0.22
CA LEU A 237 -21.75 -1.65 0.84
C LEU A 237 -23.03 -2.24 1.38
N PHE A 238 -23.59 -1.65 2.43
CA PHE A 238 -24.63 -2.33 3.23
C PHE A 238 -25.88 -2.65 2.37
N PRO A 239 -26.42 -1.76 1.52
CA PRO A 239 -27.58 -2.14 0.72
C PRO A 239 -27.36 -3.37 -0.17
N ASP A 240 -26.10 -3.76 -0.43
CA ASP A 240 -25.77 -4.93 -1.29
C ASP A 240 -25.50 -6.19 -0.45
N PHE A 241 -25.57 -6.11 0.88
CA PHE A 241 -25.22 -7.26 1.73
C PHE A 241 -26.43 -8.20 1.81
N GLY A 242 -26.42 -9.26 1.00
CA GLY A 242 -27.55 -10.21 0.93
C GLY A 242 -27.19 -11.57 1.47
N GLU A 243 -28.12 -12.51 1.31
CA GLU A 243 -28.05 -13.88 1.90
C GLU A 243 -26.74 -14.56 1.57
N GLU A 244 -26.23 -14.37 0.34
CA GLU A 244 -24.95 -15.00 -0.10
C GLU A 244 -23.79 -14.45 0.74
N ASP A 245 -23.79 -13.14 0.99
CA ASP A 245 -22.71 -12.44 1.73
C ASP A 245 -22.75 -12.85 3.20
N LEU A 246 -23.93 -12.96 3.79
CA LEU A 246 -24.06 -13.40 5.20
C LEU A 246 -23.55 -14.84 5.34
N LYS A 247 -23.89 -15.70 4.38
CA LYS A 247 -23.49 -17.13 4.40
C LYS A 247 -21.97 -17.23 4.30
N GLU A 248 -21.36 -16.45 3.42
CA GLU A 248 -19.89 -16.36 3.28
C GLU A 248 -19.27 -15.96 4.63
N ALA A 249 -19.81 -14.94 5.30
CA ALA A 249 -19.25 -14.42 6.57
C ALA A 249 -19.30 -15.52 7.64
N ILE A 250 -20.41 -16.26 7.72
CA ILE A 250 -20.55 -17.32 8.74
C ILE A 250 -19.60 -18.49 8.43
N MET A 251 -19.45 -18.86 7.17
CA MET A 251 -18.55 -19.97 6.79
C MET A 251 -17.11 -19.58 7.14
N ASN A 252 -16.74 -18.33 6.83
CA ASN A 252 -15.43 -17.74 7.21
C ASN A 252 -15.25 -17.83 8.73
N PHE A 253 -16.25 -17.41 9.50
CA PHE A 253 -16.22 -17.50 10.99
C PHE A 253 -15.97 -18.95 11.42
N GLN A 254 -16.59 -19.89 10.73
CA GLN A 254 -16.48 -21.32 11.08
C GLN A 254 -15.07 -21.83 10.79
N GLN A 255 -14.31 -21.15 9.94
CA GLN A 255 -12.92 -21.57 9.59
C GLN A 255 -11.88 -21.01 10.58
N ARG A 256 -12.26 -20.21 11.58
CA ARG A 256 -11.29 -19.57 12.49
C ARG A 256 -11.13 -20.39 13.75
N HIS A 257 -9.94 -20.30 14.35
CA HIS A 257 -9.62 -20.99 15.61
C HIS A 257 -9.53 -19.96 16.73
N ARG A 258 -10.39 -20.12 17.71
CA ARG A 258 -10.53 -19.19 18.86
C ARG A 258 -9.79 -19.83 20.03
N ARG A 259 -8.82 -19.11 20.60
CA ARG A 259 -7.96 -19.66 21.68
C ARG A 259 -8.21 -18.94 23.01
N PHE A 260 -8.75 -17.73 22.98
CA PHE A 260 -9.13 -16.98 24.21
C PHE A 260 -7.92 -16.92 25.14
N GLY A 261 -6.71 -16.76 24.57
CA GLY A 261 -5.47 -16.60 25.35
C GLY A 261 -4.84 -17.92 25.78
N GLY A 262 -5.51 -19.05 25.59
CA GLY A 262 -5.04 -20.35 26.10
C GLY A 262 -4.42 -21.20 25.01
N HIS A 263 -4.06 -22.43 25.36
CA HIS A 263 -3.32 -23.38 24.49
C HIS A 263 -3.91 -24.79 24.67
N SER B 11 -30.51 9.61 34.14
CA SER B 11 -30.60 10.67 33.10
C SER B 11 -29.32 10.70 32.26
N CYS B 12 -29.45 10.95 30.95
CA CYS B 12 -28.33 11.02 29.99
C CYS B 12 -28.55 12.14 28.99
N SER B 13 -27.46 12.67 28.45
CA SER B 13 -27.49 13.64 27.33
C SER B 13 -26.14 13.57 26.62
N LEU B 14 -26.16 13.42 25.30
CA LEU B 14 -24.95 13.12 24.49
C LEU B 14 -24.88 13.95 23.21
N ASN B 15 -25.89 14.74 22.88
CA ASN B 15 -25.94 15.45 21.57
C ASN B 15 -25.23 16.81 21.63
N LEU B 16 -24.92 17.33 22.81
CA LEU B 16 -24.25 18.64 22.99
C LEU B 16 -22.74 18.47 22.97
N GLN B 17 -22.22 17.65 23.88
CA GLN B 17 -20.77 17.37 23.99
C GLN B 17 -20.41 16.39 22.86
N THR B 18 -20.02 16.92 21.69
CA THR B 18 -19.63 16.09 20.51
C THR B 18 -18.24 16.50 20.01
N GLU B 19 -17.23 16.45 20.89
CA GLU B 19 -15.83 16.84 20.57
C GLU B 19 -14.88 15.92 21.35
N LYS B 20 -14.06 16.50 22.23
CA LYS B 20 -13.07 15.77 23.07
C LYS B 20 -12.18 14.90 22.18
N LEU B 21 -11.93 13.65 22.61
CA LEU B 21 -11.15 12.58 21.93
C LEU B 21 -9.65 12.92 21.98
N CYS B 22 -8.84 12.16 21.22
CA CYS B 22 -7.36 12.32 21.16
C CYS B 22 -6.80 11.43 20.04
N TYR B 23 -7.15 11.76 18.78
CA TYR B 23 -6.57 11.08 17.59
C TYR B 23 -5.99 12.16 16.64
N LEU B 34 -0.54 12.84 8.34
CA LEU B 34 0.33 12.03 7.42
C LEU B 34 0.74 10.74 8.13
N MET B 35 1.32 10.87 9.32
CA MET B 35 2.06 9.78 10.01
C MET B 35 1.37 9.45 11.34
N PRO B 36 1.14 8.17 11.69
CA PRO B 36 0.53 7.84 12.96
C PRO B 36 1.43 8.22 14.14
N LYS B 37 0.87 8.97 15.09
CA LYS B 37 1.62 9.45 16.28
C LYS B 37 1.78 8.29 17.30
N HIS B 38 0.76 7.45 17.44
CA HIS B 38 0.74 6.33 18.42
C HIS B 38 0.40 5.04 17.68
N ILE B 39 1.28 4.06 17.74
CA ILE B 39 1.02 2.71 17.18
C ILE B 39 0.84 1.72 18.33
N ALA B 40 -0.19 0.91 18.23
CA ALA B 40 -0.43 -0.21 19.15
C ALA B 40 -0.06 -1.50 18.43
N LEU B 41 0.52 -2.44 19.15
CA LEU B 41 1.23 -3.59 18.55
C LEU B 41 0.87 -4.83 19.35
N ILE B 42 0.20 -5.78 18.71
CA ILE B 42 -0.10 -7.11 19.31
C ILE B 42 0.90 -8.07 18.72
N MET B 43 1.84 -8.54 19.54
CA MET B 43 3.01 -9.30 19.04
C MET B 43 2.67 -10.79 19.05
N ASP B 44 1.88 -11.23 18.07
CA ASP B 44 1.26 -12.59 18.13
C ASP B 44 1.93 -13.50 17.11
N GLY B 45 1.92 -14.80 17.40
CA GLY B 45 2.29 -15.85 16.44
C GLY B 45 3.66 -16.47 16.70
N ASN B 46 4.19 -16.34 17.91
CA ASN B 46 5.59 -16.75 18.21
C ASN B 46 5.69 -18.26 18.32
N ARG B 47 4.64 -18.93 18.82
CA ARG B 47 4.70 -20.39 19.03
C ARG B 47 4.77 -21.05 17.65
N ARG B 48 3.96 -20.56 16.72
CA ARG B 48 3.85 -21.17 15.37
C ARG B 48 5.13 -20.92 14.58
N TRP B 49 5.82 -19.81 14.83
CA TRP B 49 7.07 -19.49 14.09
C TRP B 49 8.16 -20.50 14.43
N ALA B 50 8.24 -20.91 15.69
CA ALA B 50 9.21 -21.94 16.13
C ALA B 50 8.76 -23.32 15.64
N LYS B 51 7.45 -23.61 15.66
CA LYS B 51 6.93 -24.92 15.21
C LYS B 51 7.22 -25.08 13.71
N ASP B 52 6.88 -24.08 12.90
CA ASP B 52 7.03 -24.16 11.43
C ASP B 52 8.48 -24.51 11.10
N LYS B 53 9.43 -23.84 11.77
CA LYS B 53 10.88 -24.01 11.51
C LYS B 53 11.44 -25.21 12.29
N GLY B 54 10.61 -25.94 13.02
CA GLY B 54 11.04 -27.15 13.77
C GLY B 54 12.02 -26.84 14.89
N LEU B 55 11.94 -25.65 15.48
CA LEU B 55 12.83 -25.28 16.60
C LEU B 55 12.15 -25.68 17.90
N GLU B 56 12.84 -25.50 19.01
CA GLU B 56 12.25 -25.74 20.35
C GLU B 56 11.03 -24.82 20.53
N VAL B 57 10.15 -25.21 21.43
CA VAL B 57 8.76 -24.66 21.53
C VAL B 57 8.79 -23.16 21.84
N TYR B 58 9.78 -22.69 22.61
CA TYR B 58 9.82 -21.30 23.08
C TYR B 58 10.84 -20.49 22.30
N GLU B 59 11.35 -21.03 21.20
CA GLU B 59 12.46 -20.38 20.47
C GLU B 59 11.96 -19.06 19.87
N GLY B 60 10.70 -19.00 19.47
CA GLY B 60 10.13 -17.78 18.88
C GLY B 60 10.06 -16.65 19.90
N HIS B 61 9.69 -16.97 21.14
CA HIS B 61 9.48 -15.96 22.21
C HIS B 61 10.81 -15.26 22.54
N LYS B 62 11.93 -15.94 22.35
CA LYS B 62 13.26 -15.32 22.58
C LYS B 62 13.49 -14.14 21.63
N HIS B 63 12.75 -14.07 20.51
CA HIS B 63 12.90 -12.97 19.52
C HIS B 63 12.04 -11.74 19.90
N ILE B 64 11.13 -11.84 20.87
CA ILE B 64 10.05 -10.83 21.08
C ILE B 64 10.69 -9.48 21.28
N ILE B 65 11.44 -9.31 22.37
CA ILE B 65 11.88 -7.93 22.75
C ILE B 65 13.07 -7.48 21.90
N PRO B 66 13.97 -8.35 21.41
CA PRO B 66 14.95 -7.89 20.42
C PRO B 66 14.27 -7.27 19.18
N LYS B 67 13.32 -7.99 18.60
CA LYS B 67 12.60 -7.44 17.42
C LYS B 67 11.84 -6.17 17.82
N LEU B 68 11.26 -6.14 19.01
CA LEU B 68 10.53 -4.93 19.49
C LEU B 68 11.48 -3.73 19.50
N LYS B 69 12.71 -3.91 20.00
CA LYS B 69 13.71 -2.82 19.98
C LYS B 69 13.96 -2.36 18.54
N GLU B 70 14.13 -3.31 17.62
CA GLU B 70 14.37 -2.97 16.20
C GLU B 70 13.20 -2.12 15.69
N ILE B 71 11.96 -2.52 16.01
CA ILE B 71 10.76 -1.76 15.56
C ILE B 71 10.81 -0.36 16.18
N CYS B 72 11.22 -0.23 17.43
CA CYS B 72 11.27 1.11 18.05
C CYS B 72 12.27 1.99 17.31
N ASP B 73 13.45 1.44 16.98
CA ASP B 73 14.53 2.20 16.28
C ASP B 73 14.00 2.76 14.97
N ILE B 74 13.44 1.89 14.13
CA ILE B 74 12.84 2.30 12.83
C ILE B 74 11.76 3.34 13.08
N SER B 75 10.88 3.10 14.07
CA SER B 75 9.69 3.97 14.29
C SER B 75 10.15 5.35 14.76
N SER B 76 11.24 5.38 15.53
CA SER B 76 11.80 6.64 16.07
C SER B 76 12.26 7.55 14.92
N LYS B 77 12.90 6.98 13.89
CA LYS B 77 13.42 7.80 12.77
C LYS B 77 12.25 8.36 11.96
N LEU B 78 11.20 7.58 11.74
CA LEU B 78 10.01 8.04 10.95
C LEU B 78 9.20 9.08 11.74
N GLY B 79 9.50 9.36 13.01
CA GLY B 79 8.77 10.40 13.77
C GLY B 79 7.63 9.85 14.63
N ILE B 80 7.50 8.53 14.77
CA ILE B 80 6.43 7.97 15.65
C ILE B 80 6.84 8.26 17.09
N GLN B 81 5.88 8.66 17.92
CA GLN B 81 6.17 9.15 19.29
C GLN B 81 5.85 8.11 20.37
N ILE B 82 4.95 7.16 20.10
CA ILE B 82 4.52 6.15 21.10
C ILE B 82 4.31 4.81 20.43
N ILE B 83 4.74 3.76 21.10
CA ILE B 83 4.36 2.37 20.74
C ILE B 83 3.88 1.67 22.01
N THR B 84 2.67 1.09 21.96
CA THR B 84 2.14 0.27 23.06
C THR B 84 2.12 -1.17 22.57
N ALA B 85 2.89 -2.04 23.22
CA ALA B 85 3.09 -3.43 22.75
C ALA B 85 2.50 -4.41 23.76
N PHE B 86 1.75 -5.38 23.24
CA PHE B 86 1.07 -6.42 24.06
C PHE B 86 2.06 -7.59 24.20
N ALA B 87 2.57 -7.81 25.41
CA ALA B 87 3.56 -8.89 25.68
C ALA B 87 2.97 -10.05 26.49
N PHE B 88 2.00 -9.81 27.35
CA PHE B 88 1.39 -10.88 28.19
C PHE B 88 0.04 -10.39 28.68
N SER B 89 -1.03 -11.08 28.26
CA SER B 89 -2.42 -10.74 28.62
C SER B 89 -2.85 -11.43 29.90
N THR B 90 -3.96 -10.96 30.46
CA THR B 90 -4.54 -11.49 31.72
C THR B 90 -5.17 -12.87 31.50
N GLU B 91 -5.42 -13.28 30.25
CA GLU B 91 -5.98 -14.61 29.95
C GLU B 91 -4.86 -15.60 29.67
N ASN B 92 -3.65 -15.13 29.35
CA ASN B 92 -2.50 -16.02 29.07
C ASN B 92 -2.08 -16.78 30.36
N TRP B 93 -2.52 -16.35 31.54
CA TRP B 93 -2.33 -17.15 32.77
C TRP B 93 -2.95 -18.54 32.61
N LYS B 94 -3.84 -18.74 31.64
CA LYS B 94 -4.56 -20.01 31.45
C LYS B 94 -3.63 -21.07 30.86
N ARG B 95 -2.52 -20.65 30.25
CA ARG B 95 -1.53 -21.57 29.64
C ARG B 95 -0.85 -22.37 30.75
N SER B 96 -0.03 -23.34 30.36
CA SER B 96 0.62 -24.26 31.33
C SER B 96 1.59 -23.46 32.20
N LYS B 97 1.70 -23.83 33.47
CA LYS B 97 2.68 -23.24 34.43
C LYS B 97 4.10 -23.28 33.83
N GLU B 98 4.43 -24.32 33.07
CA GLU B 98 5.78 -24.45 32.44
C GLU B 98 6.01 -23.29 31.46
N GLU B 99 5.07 -23.09 30.54
CA GLU B 99 5.19 -22.02 29.50
C GLU B 99 5.26 -20.66 30.19
N VAL B 100 4.38 -20.42 31.15
CA VAL B 100 4.28 -19.09 31.80
C VAL B 100 5.59 -18.81 32.54
N ASP B 101 6.10 -19.77 33.30
CA ASP B 101 7.36 -19.58 34.07
C ASP B 101 8.51 -19.34 33.11
N PHE B 102 8.55 -20.07 32.00
CA PHE B 102 9.65 -19.94 31.01
C PHE B 102 9.59 -18.54 30.42
N LEU B 103 8.40 -18.09 30.04
CA LEU B 103 8.24 -16.81 29.30
C LEU B 103 8.49 -15.62 30.24
N LEU B 104 8.06 -15.68 31.49
CA LEU B 104 8.33 -14.53 32.39
C LEU B 104 9.83 -14.47 32.69
N SER B 105 10.52 -15.61 32.84
CA SER B 105 11.98 -15.60 33.04
C SER B 105 12.68 -15.04 31.79
N LEU B 106 12.20 -15.43 30.61
CA LEU B 106 12.77 -14.94 29.33
C LEU B 106 12.60 -13.42 29.22
N PHE B 107 11.43 -12.88 29.58
CA PHE B 107 11.20 -11.42 29.54
C PHE B 107 12.20 -10.72 30.47
N GLU B 108 12.35 -11.21 31.69
CA GLU B 108 13.34 -10.64 32.63
C GLU B 108 14.73 -10.59 31.98
N ARG B 109 15.16 -11.69 31.36
CA ARG B 109 16.48 -11.78 30.68
C ARG B 109 16.57 -10.73 29.57
N SER B 110 15.65 -10.78 28.60
CA SER B 110 15.66 -9.88 27.40
C SER B 110 15.62 -8.43 27.84
N LEU B 111 14.86 -8.12 28.87
CA LEU B 111 14.72 -6.74 29.37
C LEU B 111 16.05 -6.25 29.95
N LYS B 112 16.87 -7.15 30.49
CA LYS B 112 18.20 -6.74 31.04
C LYS B 112 19.19 -6.58 29.89
N THR B 113 19.21 -7.51 28.93
CA THR B 113 20.27 -7.53 27.88
C THR B 113 20.06 -6.38 26.89
N GLU B 114 18.83 -6.12 26.46
CA GLU B 114 18.55 -4.90 25.66
C GLU B 114 18.14 -3.79 26.61
N PHE B 115 17.88 -2.60 26.08
CA PHE B 115 17.41 -1.42 26.85
C PHE B 115 18.37 -1.15 28.00
N GLN B 116 19.63 -0.93 27.65
CA GLN B 116 20.75 -0.78 28.63
C GLN B 116 21.74 0.31 28.20
N ASN B 117 21.95 0.49 26.90
CA ASN B 117 22.95 1.44 26.36
C ASN B 117 22.69 2.84 26.94
N LEU B 118 23.75 3.64 27.01
CA LEU B 118 23.70 4.97 27.68
C LEU B 118 23.18 6.03 26.73
N ALA B 119 22.80 5.68 25.49
CA ALA B 119 22.37 6.67 24.47
C ALA B 119 21.04 7.29 24.93
N LYS B 120 20.99 8.63 24.93
CA LYS B 120 19.81 9.42 25.38
C LYS B 120 18.73 9.48 24.30
N ASN B 121 19.08 9.23 23.05
CA ASN B 121 18.10 9.18 21.93
C ASN B 121 17.33 7.87 21.93
N ASN B 122 17.64 6.96 22.86
CA ASN B 122 16.94 5.66 22.97
C ASN B 122 15.56 5.87 23.58
N VAL B 123 14.83 4.76 23.67
CA VAL B 123 13.41 4.74 24.10
C VAL B 123 13.32 4.98 25.62
N ARG B 124 12.27 5.70 26.02
CA ARG B 124 11.79 5.68 27.40
C ARG B 124 10.74 4.56 27.55
N ILE B 125 10.86 3.78 28.62
CA ILE B 125 10.15 2.48 28.78
C ILE B 125 9.23 2.54 30.01
N SER B 126 7.94 2.30 29.79
CA SER B 126 6.93 2.10 30.88
C SER B 126 6.33 0.72 30.74
N ILE B 127 5.92 0.17 31.87
CA ILE B 127 5.16 -1.10 31.90
C ILE B 127 3.76 -0.81 32.42
N ILE B 128 2.75 -1.32 31.70
CA ILE B 128 1.36 -1.26 32.20
C ILE B 128 0.90 -2.70 32.41
N GLY B 129 0.02 -2.90 33.38
CA GLY B 129 -0.38 -4.21 33.87
C GLY B 129 -0.24 -4.31 35.38
N CYS B 130 -0.75 -5.40 35.95
CA CYS B 130 -0.64 -5.65 37.42
C CYS B 130 0.72 -6.26 37.73
N LYS B 131 1.66 -5.44 38.18
CA LYS B 131 3.06 -5.90 38.37
C LYS B 131 3.18 -6.82 39.57
N SER B 132 2.29 -6.69 40.57
CA SER B 132 2.42 -7.43 41.86
C SER B 132 2.22 -8.93 41.65
N ASP B 133 1.59 -9.36 40.55
CA ASP B 133 1.37 -10.80 40.25
C ASP B 133 2.64 -11.44 39.69
N LEU B 134 3.57 -10.63 39.22
CA LEU B 134 4.77 -11.14 38.52
C LEU B 134 5.80 -11.62 39.55
N PRO B 135 6.75 -12.47 39.12
CA PRO B 135 7.86 -12.86 39.98
C PRO B 135 8.66 -11.65 40.48
N MET B 136 9.08 -11.72 41.74
CA MET B 136 9.75 -10.59 42.41
C MET B 136 10.92 -10.10 41.55
N THR B 137 11.73 -11.02 41.01
CA THR B 137 12.93 -10.66 40.22
C THR B 137 12.50 -9.87 38.98
N LEU B 138 11.39 -10.25 38.35
CA LEU B 138 10.88 -9.53 37.17
C LEU B 138 10.36 -8.15 37.59
N GLN B 139 9.75 -8.06 38.76
CA GLN B 139 9.30 -6.77 39.34
C GLN B 139 10.52 -5.85 39.50
N LYS B 140 11.62 -6.40 40.00
CA LYS B 140 12.82 -5.58 40.27
C LYS B 140 13.43 -5.14 38.94
N CYS B 141 13.47 -6.04 37.96
CA CYS B 141 13.99 -5.74 36.61
C CYS B 141 13.17 -4.62 35.96
N ILE B 142 11.84 -4.67 36.11
CA ILE B 142 10.93 -3.64 35.56
C ILE B 142 11.22 -2.30 36.22
N ALA B 143 11.33 -2.29 37.54
CA ALA B 143 11.59 -1.03 38.31
C ALA B 143 12.89 -0.43 37.80
N LEU B 144 13.90 -1.26 37.56
CA LEU B 144 15.24 -0.78 37.18
C LEU B 144 15.19 -0.24 35.74
N THR B 145 14.42 -0.90 34.87
CA THR B 145 14.29 -0.48 33.46
C THR B 145 13.54 0.86 33.37
N GLU B 146 12.48 1.05 34.15
CA GLU B 146 11.74 2.33 34.16
C GLU B 146 12.63 3.45 34.73
N GLU B 147 13.42 3.18 35.77
CA GLU B 147 14.27 4.22 36.40
C GLU B 147 15.40 4.63 35.46
N THR B 148 16.15 3.68 34.93
CA THR B 148 17.30 3.99 34.03
C THR B 148 16.85 4.72 32.75
N THR B 149 15.63 4.51 32.26
CA THR B 149 15.24 5.11 30.95
C THR B 149 14.34 6.35 31.13
N LYS B 150 13.93 6.69 32.35
CA LYS B 150 12.92 7.76 32.54
C LYS B 150 13.41 9.09 31.94
N GLY B 151 14.72 9.30 31.87
CA GLY B 151 15.30 10.54 31.30
C GLY B 151 15.49 10.49 29.80
N ASN B 152 15.34 9.33 29.15
CA ASN B 152 15.60 9.22 27.69
C ASN B 152 14.59 10.07 26.92
N LYS B 153 14.98 10.49 25.72
CA LYS B 153 14.29 11.59 25.01
C LYS B 153 13.64 11.09 23.72
N GLY B 154 13.86 9.83 23.35
CA GLY B 154 13.25 9.23 22.16
C GLY B 154 11.83 8.76 22.36
N LEU B 155 11.46 7.77 21.56
CA LEU B 155 10.11 7.18 21.48
C LEU B 155 9.73 6.59 22.83
N HIS B 156 8.46 6.76 23.22
CA HIS B 156 7.90 6.20 24.47
C HIS B 156 7.41 4.79 24.18
N LEU B 157 8.14 3.77 24.63
CA LEU B 157 7.69 2.37 24.48
C LEU B 157 6.95 1.95 25.75
N VAL B 158 5.66 1.67 25.61
CA VAL B 158 4.81 1.11 26.70
C VAL B 158 4.68 -0.40 26.48
N ILE B 159 5.10 -1.20 27.44
CA ILE B 159 5.04 -2.69 27.34
C ILE B 159 3.88 -3.16 28.21
N ALA B 160 2.88 -3.78 27.59
CA ALA B 160 1.65 -4.25 28.27
C ALA B 160 1.89 -5.68 28.76
N LEU B 161 2.04 -5.84 30.07
CA LEU B 161 2.54 -7.11 30.66
C LEU B 161 1.68 -7.45 31.87
N ASN B 162 0.97 -8.59 31.80
CA ASN B 162 -0.15 -8.91 32.71
C ASN B 162 -1.19 -7.79 32.62
N TYR B 163 -1.57 -7.46 31.40
CA TYR B 163 -2.52 -6.36 31.08
C TYR B 163 -3.72 -6.95 30.32
N GLY B 164 -4.88 -6.33 30.52
CA GLY B 164 -6.05 -6.55 29.67
C GLY B 164 -7.00 -5.36 29.71
N GLY B 165 -7.86 -5.26 28.70
CA GLY B 165 -8.78 -4.12 28.58
C GLY B 165 -9.77 -4.08 29.73
N TYR B 166 -10.29 -5.24 30.10
CA TYR B 166 -11.23 -5.36 31.25
C TYR B 166 -10.56 -4.81 32.49
N TYR B 167 -9.34 -5.28 32.75
CA TYR B 167 -8.54 -4.88 33.94
C TYR B 167 -8.42 -3.36 33.96
N ASP B 168 -8.14 -2.75 32.82
CA ASP B 168 -7.83 -1.29 32.77
C ASP B 168 -9.11 -0.53 33.13
N ILE B 169 -10.21 -0.89 32.50
CA ILE B 169 -11.52 -0.23 32.79
C ILE B 169 -11.94 -0.49 34.24
N LEU B 170 -11.74 -1.70 34.73
CA LEU B 170 -12.16 -2.07 36.12
C LEU B 170 -11.35 -1.23 37.12
N GLN B 171 -10.04 -1.12 36.97
CA GLN B 171 -9.20 -0.40 37.98
C GLN B 171 -9.51 1.09 37.92
N ALA B 172 -9.85 1.64 36.76
CA ALA B 172 -10.29 3.05 36.65
C ALA B 172 -11.64 3.22 37.36
N THR B 173 -12.55 2.28 37.17
CA THR B 173 -13.86 2.30 37.88
C THR B 173 -13.62 2.28 39.39
N LYS B 174 -12.75 1.39 39.87
CA LYS B 174 -12.48 1.26 41.33
C LYS B 174 -11.92 2.57 41.88
N SER B 175 -11.06 3.22 41.11
CA SER B 175 -10.39 4.47 41.57
C SER B 175 -11.44 5.58 41.69
N ILE B 176 -12.34 5.66 40.70
CA ILE B 176 -13.44 6.66 40.68
C ILE B 176 -14.41 6.40 41.83
N VAL B 177 -14.76 5.15 42.08
CA VAL B 177 -15.68 4.80 43.20
C VAL B 177 -15.03 5.25 44.51
N ASN B 178 -13.76 4.95 44.71
CA ASN B 178 -13.00 5.33 45.92
C ASN B 178 -13.07 6.85 46.15
N LYS B 179 -12.72 7.64 45.15
CA LYS B 179 -12.79 9.12 45.27
C LYS B 179 -14.20 9.56 45.63
N ALA B 180 -15.23 9.04 44.97
CA ALA B 180 -16.63 9.42 45.25
C ALA B 180 -17.00 9.06 46.68
N MET B 181 -16.59 7.87 47.12
CA MET B 181 -16.80 7.39 48.51
C MET B 181 -16.20 8.39 49.50
N ASN B 182 -15.07 9.00 49.16
CA ASN B 182 -14.30 9.83 50.12
C ASN B 182 -14.54 11.32 49.89
N GLY B 183 -15.58 11.70 49.16
CA GLY B 183 -15.98 13.11 49.00
C GLY B 183 -15.13 13.89 48.02
N LEU B 184 -14.28 13.24 47.22
CA LEU B 184 -13.29 13.95 46.36
C LEU B 184 -13.83 14.22 44.96
N LEU B 185 -14.96 13.62 44.57
CA LEU B 185 -15.62 14.02 43.31
C LEU B 185 -17.10 13.71 43.38
N ASP B 186 -17.85 14.36 42.49
CA ASP B 186 -19.31 14.17 42.37
C ASP B 186 -19.58 13.17 41.24
N VAL B 187 -20.69 12.46 41.34
CA VAL B 187 -21.09 11.47 40.31
C VAL B 187 -21.37 12.20 39.00
N GLU B 188 -21.76 13.47 39.07
CA GLU B 188 -22.10 14.23 37.84
C GLU B 188 -20.86 14.73 37.12
N ASP B 189 -19.68 14.67 37.75
CA ASP B 189 -18.38 15.02 37.13
C ASP B 189 -17.83 13.87 36.29
N ILE B 190 -18.45 12.69 36.35
CA ILE B 190 -17.90 11.51 35.65
C ILE B 190 -18.21 11.65 34.17
N ASN B 191 -17.16 11.80 33.37
CA ASN B 191 -17.28 11.96 31.89
C ASN B 191 -16.08 11.28 31.24
N LYS B 192 -16.04 11.32 29.91
CA LYS B 192 -14.98 10.68 29.08
C LYS B 192 -13.59 11.14 29.53
N ASN B 193 -13.40 12.43 29.78
CA ASN B 193 -12.06 13.00 30.09
C ASN B 193 -11.56 12.54 31.46
N LEU B 194 -12.42 12.57 32.48
CA LEU B 194 -12.02 12.06 33.83
C LEU B 194 -11.72 10.56 33.74
N PHE B 195 -12.53 9.78 33.03
CA PHE B 195 -12.28 8.33 32.88
C PHE B 195 -10.93 8.10 32.20
N ASP B 196 -10.71 8.80 31.10
CA ASP B 196 -9.45 8.69 30.34
C ASP B 196 -8.26 8.96 31.25
N GLN B 197 -8.40 9.90 32.18
CA GLN B 197 -7.30 10.31 33.08
C GLN B 197 -7.05 9.20 34.12
N GLU B 198 -8.01 8.28 34.32
CA GLU B 198 -7.83 7.16 35.28
C GLU B 198 -7.26 5.89 34.63
N LEU B 199 -7.36 5.74 33.31
CA LEU B 199 -6.83 4.51 32.63
C LEU B 199 -5.30 4.50 32.62
N GLU B 200 -4.72 3.31 32.42
CA GLU B 200 -3.25 3.15 32.42
C GLU B 200 -2.67 3.57 31.07
N SER B 201 -3.39 3.32 29.97
CA SER B 201 -3.07 3.85 28.63
C SER B 201 -4.02 5.02 28.33
N LYS B 202 -3.48 6.24 28.27
CA LYS B 202 -4.27 7.50 28.21
C LYS B 202 -4.18 8.17 26.85
N CYS B 203 -4.91 9.26 26.67
CA CYS B 203 -4.77 10.15 25.50
C CYS B 203 -3.32 10.60 25.37
N PRO B 204 -2.72 10.58 24.17
CA PRO B 204 -3.42 10.27 22.91
C PRO B 204 -3.52 8.77 22.63
N ASN B 205 -4.61 8.37 21.99
CA ASN B 205 -4.92 6.94 21.72
C ASN B 205 -4.25 6.49 20.43
N PRO B 206 -4.11 5.16 20.22
CA PRO B 206 -3.45 4.67 19.02
C PRO B 206 -4.19 5.05 17.73
N ASP B 207 -3.46 5.62 16.79
CA ASP B 207 -3.96 5.87 15.43
C ASP B 207 -3.99 4.54 14.65
N LEU B 208 -3.04 3.65 14.93
CA LEU B 208 -2.90 2.41 14.15
C LEU B 208 -2.69 1.26 15.12
N LEU B 209 -3.39 0.17 14.88
CA LEU B 209 -3.15 -1.12 15.57
C LEU B 209 -2.58 -2.07 14.53
N ILE B 210 -1.43 -2.68 14.84
CA ILE B 210 -0.84 -3.74 14.00
C ILE B 210 -0.91 -5.04 14.78
N ARG B 211 -1.60 -6.05 14.23
CA ARG B 211 -1.59 -7.40 14.83
C ARG B 211 -0.91 -8.32 13.82
N THR B 212 0.23 -8.86 14.21
CA THR B 212 0.89 -9.99 13.49
C THR B 212 0.19 -11.30 13.87
N GLY B 213 0.37 -12.32 13.05
CA GLY B 213 0.07 -13.70 13.48
C GLY B 213 -1.20 -14.26 12.88
N GLY B 214 -1.88 -13.50 12.02
CA GLY B 214 -2.97 -14.03 11.19
C GLY B 214 -4.38 -13.87 11.76
N GLU B 215 -4.53 -13.62 13.06
CA GLU B 215 -5.88 -13.60 13.71
C GLU B 215 -6.49 -12.21 13.55
N GLN B 216 -7.79 -12.15 13.26
CA GLN B 216 -8.53 -10.88 13.12
C GLN B 216 -9.40 -10.70 14.36
N ARG B 217 -8.79 -10.14 15.40
CA ARG B 217 -9.43 -9.97 16.70
C ARG B 217 -8.48 -9.17 17.58
N VAL B 218 -8.99 -8.76 18.72
CA VAL B 218 -8.29 -7.78 19.59
C VAL B 218 -7.81 -8.46 20.88
N SER B 219 -8.44 -9.56 21.28
CA SER B 219 -8.00 -10.40 22.44
C SER B 219 -7.80 -9.53 23.68
N ASN B 220 -8.77 -8.70 24.01
CA ASN B 220 -8.78 -7.96 25.29
C ASN B 220 -7.53 -7.08 25.41
N PHE B 221 -7.09 -6.42 24.33
CA PHE B 221 -6.00 -5.42 24.38
C PHE B 221 -6.59 -4.08 24.84
N LEU B 222 -6.47 -3.01 24.06
CA LEU B 222 -6.80 -1.63 24.51
C LEU B 222 -8.25 -1.30 24.13
N LEU B 223 -9.21 -1.92 24.82
CA LEU B 223 -10.63 -1.86 24.41
C LEU B 223 -11.09 -0.39 24.30
N TRP B 224 -11.06 0.36 25.38
CA TRP B 224 -11.52 1.78 25.36
C TRP B 224 -10.68 2.59 24.36
N GLN B 225 -9.37 2.38 24.37
CA GLN B 225 -8.43 3.25 23.65
C GLN B 225 -8.52 3.01 22.13
N LEU B 226 -9.19 1.95 21.66
CA LEU B 226 -9.18 1.56 20.22
C LEU B 226 -10.47 2.01 19.52
N ALA B 227 -11.31 2.81 20.18
CA ALA B 227 -12.63 3.26 19.67
C ALA B 227 -12.54 3.74 18.21
N TYR B 228 -11.55 4.53 17.83
CA TYR B 228 -11.48 5.04 16.43
C TYR B 228 -10.13 4.69 15.79
N THR B 229 -9.41 3.73 16.35
CA THR B 229 -8.09 3.27 15.84
C THR B 229 -8.30 2.54 14.50
N GLU B 230 -7.39 2.74 13.53
CA GLU B 230 -7.38 1.97 12.26
C GLU B 230 -6.71 0.61 12.52
N PHE B 231 -7.36 -0.47 12.09
CA PHE B 231 -6.87 -1.85 12.29
C PHE B 231 -6.09 -2.31 11.06
N TYR B 232 -4.95 -2.93 11.31
CA TYR B 232 -4.10 -3.58 10.28
C TYR B 232 -3.70 -4.96 10.77
N PHE B 233 -4.30 -5.99 10.17
CA PHE B 233 -4.02 -7.41 10.44
C PHE B 233 -3.10 -7.95 9.34
N THR B 234 -2.04 -8.66 9.74
CA THR B 234 -1.09 -9.31 8.80
C THR B 234 -0.91 -10.77 9.20
N ASN B 235 -0.61 -11.61 8.21
CA ASN B 235 -0.36 -13.06 8.45
C ASN B 235 1.08 -13.30 8.91
N THR B 236 1.98 -12.34 8.69
CA THR B 236 3.39 -12.45 9.11
C THR B 236 3.46 -12.78 10.60
N LEU B 237 4.12 -13.88 10.95
CA LEU B 237 4.36 -14.20 12.38
C LEU B 237 5.33 -13.16 12.94
N PHE B 238 5.20 -12.84 14.23
CA PHE B 238 5.88 -11.66 14.79
C PHE B 238 7.40 -11.73 14.62
N PRO B 239 8.11 -12.86 14.86
CA PRO B 239 9.56 -12.89 14.62
C PRO B 239 10.02 -12.55 13.19
N ASP B 240 9.14 -12.68 12.19
CA ASP B 240 9.46 -12.29 10.78
C ASP B 240 9.09 -10.84 10.48
N PHE B 241 8.54 -10.09 11.45
CA PHE B 241 8.04 -8.71 11.18
C PHE B 241 9.22 -7.75 11.21
N GLY B 242 9.63 -7.27 10.04
CA GLY B 242 10.78 -6.36 9.95
C GLY B 242 10.38 -5.03 9.36
N GLU B 243 11.41 -4.23 9.07
CA GLU B 243 11.33 -2.84 8.56
C GLU B 243 10.42 -2.75 7.32
N GLU B 244 10.49 -3.70 6.39
CA GLU B 244 9.66 -3.65 5.16
C GLU B 244 8.20 -3.85 5.53
N ASP B 245 7.92 -4.76 6.46
CA ASP B 245 6.56 -5.05 6.93
C ASP B 245 6.00 -3.83 7.67
N LEU B 246 6.80 -3.17 8.49
CA LEU B 246 6.38 -1.93 9.20
C LEU B 246 6.11 -0.82 8.17
N LYS B 247 7.00 -0.63 7.20
CA LYS B 247 6.79 0.44 6.19
C LYS B 247 5.50 0.17 5.41
N GLU B 248 5.24 -1.08 5.05
CA GLU B 248 3.98 -1.49 4.38
C GLU B 248 2.77 -1.13 5.26
N ALA B 249 2.84 -1.41 6.56
CA ALA B 249 1.70 -1.17 7.47
C ALA B 249 1.42 0.34 7.55
N ILE B 250 2.47 1.15 7.63
CA ILE B 250 2.33 2.63 7.70
C ILE B 250 1.76 3.14 6.38
N MET B 251 2.22 2.61 5.26
CA MET B 251 1.71 3.00 3.91
C MET B 251 0.22 2.70 3.84
N ASN B 252 -0.17 1.51 4.29
CA ASN B 252 -1.60 1.07 4.28
C ASN B 252 -2.41 2.06 5.11
N PHE B 253 -1.92 2.38 6.32
CA PHE B 253 -2.54 3.41 7.20
C PHE B 253 -2.74 4.71 6.44
N GLN B 254 -1.74 5.15 5.68
CA GLN B 254 -1.79 6.48 4.99
C GLN B 254 -2.86 6.49 3.89
N GLN B 255 -3.27 5.33 3.37
CA GLN B 255 -4.31 5.28 2.31
C GLN B 255 -5.74 5.27 2.88
N ARG B 256 -5.90 5.34 4.21
CA ARG B 256 -7.21 5.18 4.89
C ARG B 256 -7.81 6.56 5.15
N HIS B 257 -9.14 6.66 5.08
CA HIS B 257 -9.89 7.91 5.33
C HIS B 257 -10.63 7.82 6.66
N ARG B 258 -10.25 8.66 7.61
CA ARG B 258 -10.81 8.68 8.98
C ARG B 258 -11.84 9.79 9.08
N ARG B 259 -13.07 9.44 9.48
CA ARG B 259 -14.19 10.42 9.51
C ARG B 259 -14.65 10.68 10.95
N PHE B 260 -14.43 9.76 11.88
CA PHE B 260 -14.77 9.95 13.31
C PHE B 260 -16.27 10.23 13.44
N GLY B 261 -17.08 9.60 12.59
CA GLY B 261 -18.54 9.72 12.66
C GLY B 261 -19.09 10.92 11.90
N GLY B 262 -18.23 11.77 11.34
CA GLY B 262 -18.67 12.99 10.62
C GLY B 262 -18.73 12.80 9.12
N HIS B 263 -19.14 13.85 8.41
CA HIS B 263 -19.35 13.83 6.94
C HIS B 263 -18.80 15.10 6.29
N THR B 264 -18.40 14.96 5.02
CA THR B 264 -18.08 16.06 4.09
C THR B 264 -16.88 16.86 4.61
N ILE C 10 27.20 1.17 -41.84
CA ILE C 10 28.51 0.92 -41.15
C ILE C 10 28.99 2.23 -40.50
N SER C 11 28.76 3.36 -41.15
CA SER C 11 29.16 4.70 -40.66
C SER C 11 28.08 5.23 -39.72
N CYS C 12 28.47 6.11 -38.80
CA CYS C 12 27.54 6.85 -37.92
C CYS C 12 27.94 8.32 -37.89
N SER C 13 26.96 9.19 -37.69
CA SER C 13 27.19 10.62 -37.39
C SER C 13 25.97 11.19 -36.68
N LEU C 14 26.15 11.70 -35.46
CA LEU C 14 25.03 12.10 -34.57
C LEU C 14 25.12 13.56 -34.12
N ASN C 15 26.22 14.25 -34.36
CA ASN C 15 26.39 15.65 -33.87
C ASN C 15 25.78 16.62 -34.87
N LEU C 16 25.75 16.23 -36.14
CA LEU C 16 25.21 17.12 -37.20
C LEU C 16 23.69 16.97 -37.20
N GLN C 17 22.97 18.10 -37.17
CA GLN C 17 21.51 18.22 -37.36
C GLN C 17 20.77 17.65 -36.13
N THR C 18 20.05 18.53 -35.44
CA THR C 18 19.22 18.24 -34.24
C THR C 18 17.95 17.48 -34.68
N GLU C 19 17.77 16.25 -34.20
CA GLU C 19 16.55 15.45 -34.51
C GLU C 19 15.41 15.92 -33.60
N LYS C 20 14.22 15.99 -34.18
CA LYS C 20 13.01 16.43 -33.46
C LYS C 20 12.52 15.28 -32.57
N LEU C 21 12.11 15.63 -31.36
CA LEU C 21 11.34 14.72 -30.49
C LEU C 21 9.85 15.07 -30.63
N CYS C 22 8.98 14.09 -30.39
CA CYS C 22 7.51 14.30 -30.45
C CYS C 22 6.97 14.23 -29.02
N TYR C 23 7.22 15.30 -28.24
CA TYR C 23 6.76 15.49 -26.85
C TYR C 23 6.12 16.88 -26.66
N LEU C 34 1.92 23.35 -20.11
CA LEU C 34 1.14 23.29 -18.84
C LEU C 34 0.68 21.84 -18.63
N MET C 35 0.00 21.27 -19.63
CA MET C 35 -0.77 20.01 -19.46
C MET C 35 -0.17 18.93 -20.36
N PRO C 36 0.00 17.69 -19.85
CA PRO C 36 0.42 16.57 -20.69
C PRO C 36 -0.62 16.24 -21.77
N LYS C 37 -0.17 16.15 -23.03
CA LYS C 37 -1.04 15.78 -24.17
C LYS C 37 -1.33 14.26 -24.17
N HIS C 38 -0.34 13.46 -23.79
CA HIS C 38 -0.38 11.97 -23.84
C HIS C 38 0.08 11.44 -22.49
N ILE C 39 -0.77 10.66 -21.83
CA ILE C 39 -0.38 9.98 -20.57
C ILE C 39 -0.32 8.47 -20.80
N ALA C 40 0.73 7.85 -20.31
CA ALA C 40 0.87 6.37 -20.35
C ALA C 40 0.59 5.84 -18.95
N LEU C 41 -0.03 4.66 -18.88
CA LEU C 41 -0.67 4.14 -17.64
C LEU C 41 -0.35 2.66 -17.49
N ILE C 42 0.40 2.31 -16.46
CA ILE C 42 0.68 0.89 -16.11
C ILE C 42 -0.25 0.54 -14.96
N MET C 43 -1.22 -0.32 -15.21
CA MET C 43 -2.39 -0.53 -14.31
C MET C 43 -2.11 -1.70 -13.38
N ASP C 44 -1.18 -1.48 -12.46
CA ASP C 44 -0.56 -2.57 -11.67
C ASP C 44 -1.14 -2.52 -10.25
N GLY C 45 -1.16 -3.69 -9.59
CA GLY C 45 -1.52 -3.81 -8.17
C GLY C 45 -2.90 -4.41 -7.93
N ASN C 46 -3.47 -5.13 -8.89
CA ASN C 46 -4.87 -5.60 -8.79
C ASN C 46 -4.94 -6.86 -7.94
N ARG C 47 -3.95 -7.73 -8.01
CA ARG C 47 -4.00 -8.97 -7.21
C ARG C 47 -3.85 -8.66 -5.73
N ARG C 48 -2.92 -7.76 -5.41
CA ARG C 48 -2.64 -7.37 -4.00
C ARG C 48 -3.82 -6.56 -3.47
N TRP C 49 -4.48 -5.80 -4.33
CA TRP C 49 -5.65 -5.04 -3.84
C TRP C 49 -6.73 -6.02 -3.40
N ALA C 50 -6.95 -7.10 -4.15
CA ALA C 50 -7.99 -8.07 -3.80
C ALA C 50 -7.55 -8.82 -2.53
N LYS C 51 -6.27 -9.20 -2.43
CA LYS C 51 -5.77 -9.94 -1.24
C LYS C 51 -6.02 -9.08 0.01
N ASP C 52 -5.60 -7.82 -0.02
CA ASP C 52 -5.69 -6.90 1.15
C ASP C 52 -7.13 -6.87 1.65
N LYS C 53 -8.09 -6.74 0.73
CA LYS C 53 -9.54 -6.61 1.05
C LYS C 53 -10.16 -7.98 1.34
N GLY C 54 -9.37 -9.05 1.43
CA GLY C 54 -9.88 -10.41 1.69
C GLY C 54 -10.84 -10.91 0.61
N LEU C 55 -10.77 -10.34 -0.59
CA LEU C 55 -11.67 -10.73 -1.72
C LEU C 55 -11.09 -11.93 -2.47
N GLU C 56 -11.84 -12.42 -3.45
CA GLU C 56 -11.36 -13.53 -4.31
C GLU C 56 -10.24 -13.03 -5.22
N VAL C 57 -9.40 -13.95 -5.69
CA VAL C 57 -8.06 -13.63 -6.26
C VAL C 57 -8.18 -12.68 -7.46
N TYR C 58 -9.24 -12.78 -8.26
CA TYR C 58 -9.35 -11.98 -9.52
C TYR C 58 -10.30 -10.82 -9.36
N GLU C 59 -10.86 -10.59 -8.17
CA GLU C 59 -11.89 -9.53 -7.99
C GLU C 59 -11.28 -8.15 -8.28
N GLY C 60 -9.99 -7.95 -8.03
CA GLY C 60 -9.36 -6.64 -8.29
C GLY C 60 -9.35 -6.30 -9.77
N HIS C 61 -9.11 -7.30 -10.62
CA HIS C 61 -9.03 -7.08 -12.08
C HIS C 61 -10.39 -6.67 -12.63
N LYS C 62 -11.48 -7.03 -11.96
CA LYS C 62 -12.84 -6.57 -12.36
C LYS C 62 -12.96 -5.05 -12.28
N HIS C 63 -12.09 -4.37 -11.54
CA HIS C 63 -12.17 -2.88 -11.45
C HIS C 63 -11.39 -2.21 -12.58
N ILE C 64 -10.58 -2.96 -13.33
CA ILE C 64 -9.61 -2.34 -14.27
C ILE C 64 -10.33 -1.39 -15.23
N ILE C 65 -11.23 -1.92 -16.06
CA ILE C 65 -11.85 -1.16 -17.17
C ILE C 65 -12.80 -0.09 -16.62
N PRO C 66 -13.62 -0.35 -15.57
CA PRO C 66 -14.39 0.75 -14.98
C PRO C 66 -13.53 1.95 -14.55
N LYS C 67 -12.47 1.70 -13.79
CA LYS C 67 -11.54 2.79 -13.36
C LYS C 67 -10.94 3.47 -14.58
N LEU C 68 -10.55 2.69 -15.58
CA LEU C 68 -9.91 3.29 -16.76
C LEU C 68 -10.91 4.26 -17.41
N LYS C 69 -12.20 3.91 -17.44
CA LYS C 69 -13.23 4.81 -18.04
C LYS C 69 -13.36 6.09 -17.19
N GLU C 70 -13.35 5.95 -15.88
CA GLU C 70 -13.34 7.10 -14.95
C GLU C 70 -12.13 7.99 -15.25
N ILE C 71 -10.94 7.41 -15.39
CA ILE C 71 -9.71 8.20 -15.67
C ILE C 71 -9.85 8.89 -17.03
N CYS C 72 -10.45 8.24 -18.01
CA CYS C 72 -10.67 8.90 -19.32
C CYS C 72 -11.60 10.10 -19.18
N ASP C 73 -12.66 9.97 -18.38
CA ASP C 73 -13.68 11.05 -18.22
C ASP C 73 -12.98 12.29 -17.66
N ILE C 74 -12.26 12.13 -16.55
CA ILE C 74 -11.49 13.23 -15.91
C ILE C 74 -10.46 13.78 -16.91
N SER C 75 -9.73 12.91 -17.59
CA SER C 75 -8.57 13.32 -18.41
C SER C 75 -9.09 14.12 -19.61
N SER C 76 -10.27 13.76 -20.09
CA SER C 76 -10.91 14.45 -21.24
C SER C 76 -11.15 15.92 -20.87
N LYS C 77 -11.63 16.16 -19.65
CA LYS C 77 -12.03 17.52 -19.20
C LYS C 77 -10.81 18.40 -19.00
N LEU C 78 -9.68 17.83 -18.57
CA LEU C 78 -8.42 18.59 -18.35
C LEU C 78 -7.73 18.95 -19.66
N GLY C 79 -8.16 18.40 -20.79
CA GLY C 79 -7.55 18.71 -22.09
C GLY C 79 -6.57 17.64 -22.55
N ILE C 80 -6.47 16.52 -21.85
CA ILE C 80 -5.58 15.41 -22.27
C ILE C 80 -6.20 14.72 -23.49
N GLN C 81 -5.40 14.45 -24.51
CA GLN C 81 -5.88 13.94 -25.81
C GLN C 81 -5.65 12.44 -25.97
N ILE C 82 -4.67 11.83 -25.30
CA ILE C 82 -4.28 10.41 -25.55
C ILE C 82 -3.95 9.75 -24.23
N ILE C 83 -4.44 8.53 -24.03
CA ILE C 83 -4.03 7.66 -22.89
C ILE C 83 -3.70 6.28 -23.45
N THR C 84 -2.51 5.79 -23.17
CA THR C 84 -2.09 4.42 -23.53
C THR C 84 -2.01 3.63 -22.23
N ALA C 85 -2.83 2.59 -22.10
CA ALA C 85 -3.00 1.81 -20.85
C ALA C 85 -2.49 0.39 -21.07
N PHE C 86 -1.70 -0.11 -20.13
CA PHE C 86 -1.05 -1.44 -20.19
C PHE C 86 -1.98 -2.43 -19.53
N ALA C 87 -2.63 -3.29 -20.31
CA ALA C 87 -3.67 -4.22 -19.81
C ALA C 87 -3.19 -5.68 -19.80
N PHE C 88 -2.28 -6.07 -20.69
CA PHE C 88 -1.73 -7.45 -20.73
C PHE C 88 -0.41 -7.42 -21.47
N SER C 89 0.67 -7.80 -20.79
CA SER C 89 2.04 -7.79 -21.37
C SER C 89 2.38 -9.14 -22.03
N THR C 90 3.45 -9.14 -22.83
CA THR C 90 3.91 -10.36 -23.53
C THR C 90 4.53 -11.34 -22.54
N GLU C 91 4.96 -10.89 -21.37
CA GLU C 91 5.50 -11.81 -20.34
C GLU C 91 4.39 -12.37 -19.43
N ASN C 92 3.19 -11.79 -19.42
CA ASN C 92 2.09 -12.25 -18.55
C ASN C 92 1.63 -13.66 -18.97
N TRP C 93 1.96 -14.11 -20.18
CA TRP C 93 1.71 -15.51 -20.62
C TRP C 93 2.43 -16.51 -19.72
N LYS C 94 3.37 -16.08 -18.89
CA LYS C 94 4.11 -17.03 -18.00
C LYS C 94 3.20 -17.49 -16.85
N ARG C 95 2.13 -16.76 -16.58
CA ARG C 95 1.19 -17.08 -15.49
C ARG C 95 0.43 -18.38 -15.82
N SER C 96 -0.35 -18.87 -14.88
CA SER C 96 -1.09 -20.14 -15.03
C SER C 96 -2.12 -20.02 -16.15
N LYS C 97 -2.35 -21.12 -16.85
CA LYS C 97 -3.43 -21.23 -17.85
C LYS C 97 -4.76 -20.74 -17.28
N GLU C 98 -5.04 -21.03 -16.01
CA GLU C 98 -6.34 -20.63 -15.39
C GLU C 98 -6.43 -19.11 -15.26
N GLU C 99 -5.37 -18.44 -14.78
CA GLU C 99 -5.37 -16.96 -14.62
C GLU C 99 -5.50 -16.30 -16.00
N VAL C 100 -4.74 -16.76 -16.97
CA VAL C 100 -4.75 -16.14 -18.32
C VAL C 100 -6.14 -16.30 -18.92
N ASP C 101 -6.70 -17.50 -18.83
CA ASP C 101 -8.05 -17.72 -19.40
C ASP C 101 -9.05 -16.82 -18.69
N PHE C 102 -8.96 -16.74 -17.37
CA PHE C 102 -9.96 -15.99 -16.56
C PHE C 102 -9.87 -14.53 -16.98
N LEU C 103 -8.66 -14.00 -17.04
CA LEU C 103 -8.46 -12.54 -17.26
C LEU C 103 -8.75 -12.14 -18.70
N LEU C 104 -8.47 -12.99 -19.69
CA LEU C 104 -8.88 -12.71 -21.09
C LEU C 104 -10.40 -12.78 -21.23
N SER C 105 -11.07 -13.71 -20.56
CA SER C 105 -12.56 -13.73 -20.56
C SER C 105 -13.08 -12.46 -19.86
N LEU C 106 -12.49 -12.11 -18.73
CA LEU C 106 -12.91 -10.91 -17.96
C LEU C 106 -12.72 -9.65 -18.79
N PHE C 107 -11.60 -9.53 -19.51
CA PHE C 107 -11.34 -8.34 -20.36
C PHE C 107 -12.43 -8.25 -21.44
N GLU C 108 -12.73 -9.36 -22.11
CA GLU C 108 -13.81 -9.39 -23.13
C GLU C 108 -15.13 -8.93 -22.48
N ARG C 109 -15.44 -9.46 -21.31
CA ARG C 109 -16.69 -9.09 -20.60
C ARG C 109 -16.73 -7.58 -20.34
N SER C 110 -15.71 -7.04 -19.67
CA SER C 110 -15.59 -5.60 -19.30
C SER C 110 -15.71 -4.74 -20.56
N LEU C 111 -15.09 -5.15 -21.65
CA LEU C 111 -15.11 -4.34 -22.89
C LEU C 111 -16.54 -4.26 -23.42
N LYS C 112 -17.33 -5.31 -23.22
CA LYS C 112 -18.74 -5.30 -23.68
C LYS C 112 -19.62 -4.56 -22.67
N THR C 113 -19.23 -4.52 -21.40
CA THR C 113 -20.07 -3.91 -20.34
C THR C 113 -19.96 -2.39 -20.37
N GLU C 114 -18.74 -1.85 -20.41
CA GLU C 114 -18.53 -0.38 -20.35
C GLU C 114 -18.47 0.23 -21.75
N PHE C 115 -18.71 -0.55 -22.82
CA PHE C 115 -18.60 -0.02 -24.20
C PHE C 115 -19.45 1.24 -24.35
N GLN C 116 -20.70 1.21 -23.88
CA GLN C 116 -21.63 2.35 -24.07
C GLN C 116 -21.08 3.60 -23.40
N ASN C 117 -20.54 3.48 -22.18
CA ASN C 117 -20.03 4.65 -21.41
C ASN C 117 -18.82 5.29 -22.11
N LEU C 118 -17.87 4.49 -22.59
CA LEU C 118 -16.73 5.05 -23.35
C LEU C 118 -17.24 5.65 -24.67
N ALA C 119 -18.31 5.09 -25.25
CA ALA C 119 -18.85 5.56 -26.55
C ALA C 119 -19.58 6.90 -26.36
N LYS C 120 -20.26 7.14 -25.24
CA LYS C 120 -20.98 8.41 -25.03
C LYS C 120 -20.02 9.57 -24.81
N ASN C 121 -18.84 9.34 -24.23
CA ASN C 121 -17.85 10.42 -24.01
C ASN C 121 -17.11 10.74 -25.32
N ASN C 122 -17.43 10.04 -26.41
CA ASN C 122 -16.87 10.27 -27.77
C ASN C 122 -15.43 9.77 -27.81
N VAL C 123 -15.12 8.76 -27.03
CA VAL C 123 -13.76 8.19 -26.96
C VAL C 123 -13.51 7.38 -28.24
N ARG C 124 -12.32 7.53 -28.81
CA ARG C 124 -11.84 6.59 -29.82
C ARG C 124 -11.00 5.56 -29.09
N ILE C 125 -11.23 4.29 -29.41
CA ILE C 125 -10.57 3.14 -28.73
C ILE C 125 -9.74 2.40 -29.77
N SER C 126 -8.47 2.20 -29.47
CA SER C 126 -7.54 1.39 -30.28
C SER C 126 -6.89 0.34 -29.38
N ILE C 127 -6.52 -0.78 -29.98
CA ILE C 127 -5.73 -1.85 -29.31
C ILE C 127 -4.40 -1.92 -30.04
N ILE C 128 -3.31 -2.02 -29.29
CA ILE C 128 -1.98 -2.41 -29.81
C ILE C 128 -1.56 -3.72 -29.14
N GLY C 129 -0.70 -4.45 -29.82
CA GLY C 129 -0.27 -5.78 -29.39
C GLY C 129 -0.60 -6.80 -30.44
N CYS C 130 -0.13 -8.03 -30.25
CA CYS C 130 -0.38 -9.13 -31.22
C CYS C 130 -1.78 -9.71 -30.97
N LYS C 131 -2.72 -9.40 -31.83
CA LYS C 131 -4.13 -9.81 -31.62
C LYS C 131 -4.37 -11.26 -32.06
N SER C 132 -3.49 -11.84 -32.88
CA SER C 132 -3.67 -13.22 -33.41
C SER C 132 -3.65 -14.25 -32.28
N ASP C 133 -2.92 -13.98 -31.20
CA ASP C 133 -2.77 -14.91 -30.06
C ASP C 133 -4.01 -14.91 -29.16
N LEU C 134 -4.92 -13.94 -29.30
CA LEU C 134 -6.10 -13.79 -28.40
C LEU C 134 -7.25 -14.69 -28.86
N PRO C 135 -8.19 -15.07 -27.96
CA PRO C 135 -9.34 -15.87 -28.37
C PRO C 135 -10.13 -15.15 -29.47
N MET C 136 -10.69 -15.92 -30.40
CA MET C 136 -11.35 -15.34 -31.59
C MET C 136 -12.48 -14.40 -31.16
N THR C 137 -13.25 -14.73 -30.12
CA THR C 137 -14.35 -13.85 -29.68
C THR C 137 -13.81 -12.49 -29.25
N LEU C 138 -12.66 -12.46 -28.60
CA LEU C 138 -12.06 -11.16 -28.19
C LEU C 138 -11.49 -10.44 -29.42
N GLN C 139 -10.97 -11.15 -30.41
CA GLN C 139 -10.52 -10.50 -31.67
C GLN C 139 -11.72 -9.82 -32.34
N LYS C 140 -12.86 -10.48 -32.43
CA LYS C 140 -14.06 -9.87 -33.05
C LYS C 140 -14.57 -8.69 -32.22
N CYS C 141 -14.58 -8.81 -30.91
CA CYS C 141 -15.00 -7.72 -30.02
C CYS C 141 -14.11 -6.50 -30.25
N ILE C 142 -12.80 -6.72 -30.35
CA ILE C 142 -11.82 -5.61 -30.54
C ILE C 142 -12.04 -4.96 -31.90
N ALA C 143 -12.13 -5.75 -32.96
CA ALA C 143 -12.34 -5.22 -34.32
C ALA C 143 -13.64 -4.39 -34.35
N LEU C 144 -14.68 -4.83 -33.63
CA LEU C 144 -15.98 -4.11 -33.65
C LEU C 144 -15.84 -2.83 -32.81
N THR C 145 -15.11 -2.86 -31.72
CA THR C 145 -14.91 -1.66 -30.87
C THR C 145 -14.12 -0.62 -31.66
N GLU C 146 -13.08 -1.04 -32.38
CA GLU C 146 -12.23 -0.13 -33.18
C GLU C 146 -13.04 0.46 -34.33
N GLU C 147 -13.89 -0.34 -34.99
CA GLU C 147 -14.72 0.13 -36.14
C GLU C 147 -15.75 1.16 -35.65
N THR C 148 -16.52 0.81 -34.63
CA THR C 148 -17.60 1.67 -34.11
C THR C 148 -17.05 3.04 -33.69
N THR C 149 -15.83 3.14 -33.15
CA THR C 149 -15.35 4.40 -32.52
C THR C 149 -14.28 5.10 -33.36
N LYS C 150 -13.92 4.57 -34.53
CA LYS C 150 -12.80 5.14 -35.32
C LYS C 150 -13.07 6.62 -35.64
N GLY C 151 -14.33 7.01 -35.82
CA GLY C 151 -14.68 8.41 -36.18
C GLY C 151 -14.74 9.33 -34.98
N ASN C 152 -14.73 8.81 -33.75
CA ASN C 152 -14.95 9.65 -32.55
C ASN C 152 -13.83 10.67 -32.38
N LYS C 153 -14.17 11.83 -31.82
CA LYS C 153 -13.29 13.02 -31.85
C LYS C 153 -12.77 13.40 -30.47
N GLY C 154 -13.18 12.69 -29.43
CA GLY C 154 -12.69 12.94 -28.07
C GLY C 154 -11.33 12.29 -27.83
N LEU C 155 -11.11 11.94 -26.56
CA LEU C 155 -9.85 11.33 -26.08
C LEU C 155 -9.61 10.01 -26.82
N HIS C 156 -8.36 9.79 -27.21
CA HIS C 156 -7.91 8.54 -27.86
C HIS C 156 -7.39 7.61 -26.77
N LEU C 157 -8.14 6.55 -26.47
CA LEU C 157 -7.70 5.49 -25.53
C LEU C 157 -7.08 4.35 -26.33
N VAL C 158 -5.80 4.13 -26.10
CA VAL C 158 -5.03 3.02 -26.71
C VAL C 158 -4.83 1.98 -25.63
N ILE C 159 -5.35 0.78 -25.84
CA ILE C 159 -5.21 -0.32 -24.85
C ILE C 159 -4.13 -1.29 -25.35
N ALA C 160 -3.09 -1.49 -24.54
CA ALA C 160 -1.96 -2.35 -24.91
C ALA C 160 -2.27 -3.76 -24.41
N LEU C 161 -2.54 -4.66 -25.33
CA LEU C 161 -3.09 -6.00 -25.00
C LEU C 161 -2.27 -7.02 -25.75
N ASN C 162 -1.58 -7.88 -25.01
CA ASN C 162 -0.56 -8.78 -25.58
C ASN C 162 0.48 -7.91 -26.30
N TYR C 163 0.97 -6.90 -25.58
CA TYR C 163 1.93 -5.90 -26.08
C TYR C 163 3.19 -5.96 -25.22
N GLY C 164 4.31 -5.67 -25.87
CA GLY C 164 5.59 -5.45 -25.18
C GLY C 164 6.50 -4.60 -26.03
N GLY C 165 7.42 -3.89 -25.36
CA GLY C 165 8.40 -3.01 -26.03
C GLY C 165 9.30 -3.78 -26.99
N TYR C 166 9.83 -4.92 -26.57
CA TYR C 166 10.66 -5.79 -27.45
C TYR C 166 9.85 -6.15 -28.71
N TYR C 167 8.61 -6.61 -28.52
CA TYR C 167 7.70 -6.95 -29.64
C TYR C 167 7.54 -5.75 -30.60
N ASP C 168 7.31 -4.55 -30.07
CA ASP C 168 7.03 -3.37 -30.93
C ASP C 168 8.27 -3.04 -31.77
N ILE C 169 9.45 -3.03 -31.14
CA ILE C 169 10.71 -2.73 -31.86
C ILE C 169 10.96 -3.82 -32.90
N LEU C 170 10.67 -5.08 -32.55
CA LEU C 170 10.97 -6.21 -33.47
C LEU C 170 10.06 -6.15 -34.69
N GLN C 171 8.75 -5.95 -34.51
CA GLN C 171 7.84 -5.96 -35.69
C GLN C 171 8.19 -4.74 -36.58
N ALA C 172 8.57 -3.60 -35.99
CA ALA C 172 8.99 -2.44 -36.78
C ALA C 172 10.25 -2.80 -37.59
N THR C 173 11.22 -3.45 -36.97
CA THR C 173 12.46 -3.88 -37.66
C THR C 173 12.11 -4.86 -38.79
N LYS C 174 11.23 -5.81 -38.53
CA LYS C 174 10.89 -6.80 -39.58
C LYS C 174 10.21 -6.08 -40.75
N SER C 175 9.34 -5.12 -40.46
CA SER C 175 8.61 -4.38 -41.51
C SER C 175 9.62 -3.59 -42.36
N ILE C 176 10.63 -3.00 -41.73
CA ILE C 176 11.68 -2.23 -42.45
C ILE C 176 12.56 -3.16 -43.27
N VAL C 177 12.87 -4.34 -42.74
CA VAL C 177 13.66 -5.34 -43.49
C VAL C 177 12.91 -5.67 -44.78
N ASN C 178 11.61 -5.92 -44.66
CA ASN C 178 10.76 -6.29 -45.82
C ASN C 178 10.76 -5.16 -46.85
N LYS C 179 10.58 -3.92 -46.41
CA LYS C 179 10.61 -2.79 -47.37
C LYS C 179 11.94 -2.82 -48.13
N ALA C 180 13.07 -2.96 -47.44
CA ALA C 180 14.39 -2.96 -48.10
C ALA C 180 14.48 -4.14 -49.08
N MET C 181 13.99 -5.30 -48.68
CA MET C 181 13.95 -6.51 -49.53
C MET C 181 13.17 -6.22 -50.82
N ASN C 182 12.16 -5.36 -50.79
CA ASN C 182 11.27 -5.08 -51.96
C ASN C 182 11.69 -3.80 -52.69
N GLY C 183 12.88 -3.26 -52.43
CA GLY C 183 13.40 -2.10 -53.17
C GLY C 183 12.78 -0.77 -52.75
N LEU C 184 12.16 -0.71 -51.58
CA LEU C 184 11.43 0.52 -51.18
C LEU C 184 12.29 1.49 -50.39
N LEU C 185 13.46 1.07 -49.91
CA LEU C 185 14.35 1.98 -49.13
C LEU C 185 15.76 1.43 -49.01
N ASP C 186 16.69 2.30 -48.69
CA ASP C 186 18.10 1.94 -48.47
C ASP C 186 18.38 2.00 -46.97
N VAL C 187 19.48 1.38 -46.57
CA VAL C 187 19.93 1.35 -45.17
C VAL C 187 20.07 2.79 -44.65
N GLU C 188 20.45 3.73 -45.50
CA GLU C 188 20.69 5.12 -45.03
C GLU C 188 19.38 5.85 -44.86
N ASP C 189 18.25 5.31 -45.32
CA ASP C 189 16.93 5.95 -45.05
C ASP C 189 16.50 5.64 -43.61
N ILE C 190 17.18 4.74 -42.91
CA ILE C 190 16.72 4.29 -41.57
C ILE C 190 17.13 5.33 -40.54
N ASN C 191 16.15 6.02 -39.98
CA ASN C 191 16.38 7.11 -39.00
C ASN C 191 15.20 7.13 -38.04
N LYS C 192 15.24 8.02 -37.06
CA LYS C 192 14.21 8.05 -36.00
C LYS C 192 12.80 8.20 -36.60
N ASN C 193 12.63 9.06 -37.61
CA ASN C 193 11.30 9.38 -38.17
C ASN C 193 10.68 8.14 -38.81
N LEU C 194 11.43 7.43 -39.63
CA LEU C 194 10.96 6.16 -40.25
C LEU C 194 10.58 5.17 -39.15
N PHE C 195 11.43 5.01 -38.14
CA PHE C 195 11.16 4.02 -37.07
C PHE C 195 9.87 4.38 -36.34
N ASP C 196 9.69 5.66 -35.99
CA ASP C 196 8.49 6.12 -35.27
C ASP C 196 7.24 5.71 -36.05
N GLN C 197 7.25 5.90 -37.36
CA GLN C 197 6.03 5.61 -38.16
C GLN C 197 5.87 4.10 -38.37
N GLU C 198 6.87 3.27 -38.07
CA GLU C 198 6.68 1.80 -38.18
C GLU C 198 6.26 1.19 -36.82
N LEU C 199 6.49 1.87 -35.70
CA LEU C 199 6.10 1.33 -34.37
C LEU C 199 4.57 1.40 -34.24
N GLU C 200 4.01 0.65 -33.28
CA GLU C 200 2.54 0.58 -33.11
C GLU C 200 2.03 1.71 -32.21
N SER C 201 2.85 2.11 -31.24
CA SER C 201 2.66 3.32 -30.42
C SER C 201 3.45 4.46 -31.07
N LYS C 202 2.75 5.45 -31.58
CA LYS C 202 3.37 6.44 -32.48
C LYS C 202 3.46 7.82 -31.82
N CYS C 203 4.13 8.71 -32.53
CA CYS C 203 4.14 10.17 -32.20
C CYS C 203 2.72 10.67 -32.15
N PRO C 204 2.35 11.53 -31.18
CA PRO C 204 3.29 12.04 -30.17
C PRO C 204 3.45 11.08 -28.99
N ASN C 205 4.65 11.05 -28.42
CA ASN C 205 5.06 10.11 -27.35
C ASN C 205 4.51 10.57 -26.00
N PRO C 206 4.42 9.67 -25.00
CA PRO C 206 3.84 10.03 -23.71
C PRO C 206 4.65 11.12 -22.99
N ASP C 207 3.95 12.13 -22.48
CA ASP C 207 4.55 13.22 -21.68
C ASP C 207 4.75 12.77 -20.24
N LEU C 208 3.86 11.93 -19.75
CA LEU C 208 3.84 11.46 -18.34
C LEU C 208 3.50 9.98 -18.33
N LEU C 209 4.23 9.20 -17.54
CA LEU C 209 3.92 7.78 -17.28
C LEU C 209 3.51 7.68 -15.83
N ILE C 210 2.34 7.09 -15.59
CA ILE C 210 1.86 6.79 -14.21
C ILE C 210 1.92 5.29 -14.02
N ARG C 211 2.65 4.85 -13.00
CA ARG C 211 2.61 3.42 -12.64
C ARG C 211 2.04 3.32 -11.23
N THR C 212 0.87 2.69 -11.13
CA THR C 212 0.26 2.29 -9.84
C THR C 212 0.94 1.02 -9.36
N GLY C 213 0.77 0.70 -8.08
CA GLY C 213 1.11 -0.62 -7.54
C GLY C 213 2.45 -0.66 -6.84
N GLY C 214 3.14 0.47 -6.71
CA GLY C 214 4.34 0.56 -5.84
C GLY C 214 5.68 0.21 -6.49
N GLU C 215 5.70 -0.40 -7.68
CA GLU C 215 6.98 -0.88 -8.30
C GLU C 215 7.64 0.24 -9.10
N GLN C 216 8.97 0.31 -9.05
CA GLN C 216 9.73 1.36 -9.79
C GLN C 216 10.49 0.69 -10.93
N ARG C 217 9.74 0.47 -11.99
CA ARG C 217 10.21 -0.21 -13.21
C ARG C 217 9.16 -0.05 -14.30
N VAL C 218 9.56 -0.43 -15.49
CA VAL C 218 8.76 -0.14 -16.70
C VAL C 218 8.19 -1.44 -17.29
N SER C 219 8.74 -2.60 -16.92
CA SER C 219 8.20 -3.95 -17.24
C SER C 219 7.90 -4.06 -18.74
N ASN C 220 8.86 -3.68 -19.59
CA ASN C 220 8.74 -3.95 -21.05
C ASN C 220 7.46 -3.31 -21.61
N PHE C 221 7.12 -2.11 -21.14
CA PHE C 221 6.03 -1.30 -21.72
C PHE C 221 6.60 -0.59 -22.94
N LEU C 222 6.42 0.74 -23.05
CA LEU C 222 6.72 1.50 -24.29
C LEU C 222 8.20 1.91 -24.32
N LEU C 223 9.12 0.96 -24.47
CA LEU C 223 10.58 1.22 -24.28
C LEU C 223 11.07 2.38 -25.16
N TRP C 224 10.89 2.32 -26.48
CA TRP C 224 11.35 3.38 -27.40
C TRP C 224 10.65 4.71 -27.06
N GLN C 225 9.35 4.64 -26.76
CA GLN C 225 8.46 5.81 -26.65
C GLN C 225 8.66 6.57 -25.33
N LEU C 226 9.33 6.00 -24.35
CA LEU C 226 9.44 6.64 -23.02
C LEU C 226 10.76 7.38 -22.87
N ALA C 227 11.52 7.57 -23.95
CA ALA C 227 12.91 8.08 -23.93
C ALA C 227 13.01 9.37 -23.09
N TYR C 228 12.06 10.30 -23.20
CA TYR C 228 12.09 11.55 -22.39
C TYR C 228 10.79 11.74 -21.59
N THR C 229 10.05 10.67 -21.34
CA THR C 229 8.79 10.74 -20.58
C THR C 229 9.14 11.02 -19.12
N GLU C 230 8.30 11.81 -18.44
CA GLU C 230 8.39 12.02 -16.98
C GLU C 230 7.76 10.81 -16.30
N PHE C 231 8.47 10.19 -15.35
CA PHE C 231 7.96 9.01 -14.62
C PHE C 231 7.35 9.46 -13.30
N TYR C 232 6.20 8.91 -12.98
CA TYR C 232 5.50 9.11 -11.69
C TYR C 232 5.03 7.77 -11.16
N PHE C 233 5.71 7.29 -10.12
CA PHE C 233 5.40 6.03 -9.42
C PHE C 233 4.59 6.34 -8.17
N THR C 234 3.49 5.63 -7.99
CA THR C 234 2.64 5.78 -6.79
C THR C 234 2.41 4.41 -6.15
N ASN C 235 2.23 4.40 -4.84
CA ASN C 235 2.02 3.15 -4.09
C ASN C 235 0.54 2.76 -4.14
N THR C 236 -0.33 3.72 -4.44
CA THR C 236 -1.77 3.47 -4.60
C THR C 236 -1.98 2.30 -5.57
N LEU C 237 -2.64 1.23 -5.11
CA LEU C 237 -3.00 0.09 -5.97
C LEU C 237 -4.07 0.58 -6.96
N PHE C 238 -4.14 -0.04 -8.13
CA PHE C 238 -4.92 0.53 -9.25
C PHE C 238 -6.42 0.63 -8.94
N PRO C 239 -7.09 -0.35 -8.31
CA PRO C 239 -8.51 -0.16 -7.97
C PRO C 239 -8.79 1.04 -7.06
N ASP C 240 -7.78 1.55 -6.34
CA ASP C 240 -7.92 2.75 -5.47
C ASP C 240 -7.55 4.05 -6.19
N PHE C 241 -7.16 4.01 -7.46
CA PHE C 241 -6.68 5.23 -8.16
C PHE C 241 -7.88 6.01 -8.66
N GLY C 242 -8.18 7.14 -8.01
CA GLY C 242 -9.36 7.96 -8.33
C GLY C 242 -8.98 9.35 -8.83
N GLU C 243 -9.98 10.22 -8.91
CA GLU C 243 -9.86 11.59 -9.47
C GLU C 243 -8.77 12.37 -8.73
N GLU C 244 -8.76 12.29 -7.39
CA GLU C 244 -7.76 13.04 -6.59
C GLU C 244 -6.35 12.56 -6.91
N ASP C 245 -6.16 11.25 -7.11
CA ASP C 245 -4.83 10.66 -7.39
C ASP C 245 -4.37 11.09 -8.78
N LEU C 246 -5.27 11.10 -9.76
CA LEU C 246 -4.90 11.58 -11.11
C LEU C 246 -4.54 13.07 -11.08
N LYS C 247 -5.24 13.86 -10.28
CA LYS C 247 -5.01 15.33 -10.16
C LYS C 247 -3.66 15.58 -9.49
N GLU C 248 -3.34 14.80 -8.46
CA GLU C 248 -2.03 14.84 -7.76
C GLU C 248 -0.90 14.55 -8.76
N ALA C 249 -1.06 13.53 -9.60
CA ALA C 249 -0.04 13.13 -10.59
C ALA C 249 0.16 14.26 -11.61
N ILE C 250 -0.91 14.88 -12.08
CA ILE C 250 -0.79 15.96 -13.13
C ILE C 250 -0.15 17.20 -12.52
N MET C 251 -0.48 17.53 -11.29
CA MET C 251 0.08 18.72 -10.62
C MET C 251 1.57 18.50 -10.35
N ASN C 252 1.95 17.28 -9.98
CA ASN C 252 3.36 16.88 -9.81
C ASN C 252 4.10 17.06 -11.17
N PHE C 253 3.49 16.57 -12.24
CA PHE C 253 4.06 16.76 -13.60
C PHE C 253 4.31 18.24 -13.85
N GLN C 254 3.38 19.08 -13.39
CA GLN C 254 3.48 20.54 -13.66
C GLN C 254 4.65 21.16 -12.89
N GLN C 255 5.14 20.52 -11.83
CA GLN C 255 6.28 21.09 -11.06
C GLN C 255 7.63 20.73 -11.68
N ARG C 256 7.68 19.90 -12.73
CA ARG C 256 8.97 19.40 -13.27
C ARG C 256 9.45 20.27 -14.43
N HIS C 257 10.77 20.32 -14.59
CA HIS C 257 11.38 21.06 -15.72
C HIS C 257 12.00 20.06 -16.70
N ARG C 258 11.50 20.06 -17.92
CA ARG C 258 11.97 19.15 -18.98
C ARG C 258 13.01 19.88 -19.84
N ARG C 259 14.21 19.32 -19.96
CA ARG C 259 15.33 19.97 -20.69
C ARG C 259 15.70 19.22 -21.97
N PHE C 260 15.31 17.95 -22.10
CA PHE C 260 15.54 17.18 -23.35
C PHE C 260 17.03 17.23 -23.72
N GLY C 261 17.90 17.23 -22.71
CA GLY C 261 19.36 17.20 -22.93
C GLY C 261 19.97 18.58 -23.11
N GLY C 262 19.16 19.65 -23.17
CA GLY C 262 19.64 21.02 -23.44
C GLY C 262 19.81 21.86 -22.18
N HIS C 263 20.22 23.12 -22.38
CA HIS C 263 20.64 24.03 -21.28
C HIS C 263 20.17 25.46 -21.54
N THR C 264 19.74 26.11 -20.46
CA THR C 264 19.57 27.59 -20.39
C THR C 264 18.64 28.06 -21.51
N CYS D 12 2.73 -12.52 -36.36
CA CYS D 12 3.23 -12.47 -34.95
C CYS D 12 2.74 -13.68 -34.17
N SER D 13 3.48 -14.08 -33.15
CA SER D 13 3.05 -15.12 -32.20
C SER D 13 3.95 -15.00 -30.98
N LEU D 14 3.35 -14.94 -29.79
CA LEU D 14 4.09 -14.54 -28.57
C LEU D 14 3.88 -15.50 -27.39
N ASN D 15 2.95 -16.47 -27.42
CA ASN D 15 2.71 -17.31 -26.21
C ASN D 15 3.84 -18.34 -26.06
N LEU D 16 4.45 -18.75 -27.18
CA LEU D 16 5.35 -19.93 -27.24
C LEU D 16 6.81 -19.51 -27.02
N GLN D 17 7.05 -18.22 -26.79
CA GLN D 17 8.39 -17.68 -26.50
C GLN D 17 8.35 -17.06 -25.11
N THR D 18 8.72 -17.82 -24.09
CA THR D 18 8.67 -17.34 -22.69
C THR D 18 10.06 -17.33 -22.06
N GLU D 19 11.09 -17.64 -22.85
CA GLU D 19 12.50 -17.66 -22.39
C GLU D 19 12.97 -16.22 -22.18
N LYS D 20 13.68 -15.96 -21.09
CA LYS D 20 14.21 -14.61 -20.76
C LYS D 20 15.62 -14.49 -21.33
N LEU D 21 15.84 -13.50 -22.20
CA LEU D 21 17.18 -13.32 -22.83
C LEU D 21 18.26 -13.24 -21.76
N CYS D 22 18.06 -12.37 -20.76
CA CYS D 22 19.04 -12.14 -19.66
C CYS D 22 18.39 -11.35 -18.51
N LEU D 34 20.48 -11.47 -5.12
CA LEU D 34 20.64 -10.66 -3.88
C LEU D 34 21.45 -9.40 -4.20
N MET D 35 22.58 -9.55 -4.89
CA MET D 35 23.50 -8.43 -5.19
C MET D 35 23.49 -8.16 -6.71
N PRO D 36 23.30 -6.90 -7.15
CA PRO D 36 23.18 -6.61 -8.58
C PRO D 36 24.48 -6.94 -9.33
N LYS D 37 24.35 -7.69 -10.43
CA LYS D 37 25.51 -8.01 -11.29
C LYS D 37 25.91 -6.77 -12.13
N HIS D 38 24.93 -6.07 -12.69
CA HIS D 38 25.15 -4.95 -13.64
C HIS D 38 24.37 -3.73 -13.14
N ILE D 39 25.06 -2.63 -12.84
CA ILE D 39 24.43 -1.35 -12.44
C ILE D 39 24.61 -0.33 -13.57
N ALA D 40 23.54 0.36 -13.91
CA ALA D 40 23.57 1.47 -14.88
C ALA D 40 23.45 2.78 -14.10
N LEU D 41 24.19 3.78 -14.55
CA LEU D 41 24.48 5.00 -13.74
C LEU D 41 24.28 6.22 -14.64
N ILE D 42 23.31 7.05 -14.31
CA ILE D 42 23.06 8.33 -15.02
C ILE D 42 23.64 9.45 -14.14
N MET D 43 24.77 10.01 -14.56
CA MET D 43 25.62 10.86 -13.69
C MET D 43 25.19 12.32 -13.85
N ASP D 44 24.04 12.65 -13.29
CA ASP D 44 23.35 13.94 -13.59
C ASP D 44 23.47 14.85 -12.37
N GLY D 45 23.42 16.16 -12.62
CA GLY D 45 23.32 17.20 -11.57
C GLY D 45 24.58 18.02 -11.37
N ASN D 46 25.52 18.03 -12.33
CA ASN D 46 26.86 18.60 -12.10
C ASN D 46 26.83 20.13 -12.19
N ARG D 47 26.00 20.69 -13.08
CA ARG D 47 26.00 22.15 -13.29
C ARG D 47 25.37 22.84 -12.08
N ARG D 48 24.20 22.41 -11.64
CA ARG D 48 23.51 23.12 -10.52
C ARG D 48 24.17 22.79 -9.19
N TRP D 49 25.08 21.81 -9.17
CA TRP D 49 25.97 21.58 -7.99
C TRP D 49 26.96 22.73 -7.88
N ALA D 50 27.50 23.20 -9.00
CA ALA D 50 28.48 24.30 -9.01
C ALA D 50 27.73 25.62 -8.77
N LYS D 51 26.58 25.80 -9.41
CA LYS D 51 25.77 27.03 -9.23
C LYS D 51 25.40 27.16 -7.75
N ASP D 52 24.91 26.08 -7.13
CA ASP D 52 24.51 26.06 -5.70
C ASP D 52 25.72 26.47 -4.84
N LYS D 53 26.91 25.93 -5.14
CA LYS D 53 28.14 26.21 -4.35
C LYS D 53 28.76 27.54 -4.76
N GLY D 54 28.13 28.28 -5.68
CA GLY D 54 28.67 29.55 -6.20
C GLY D 54 30.01 29.36 -6.91
N LEU D 55 30.30 28.17 -7.43
CA LEU D 55 31.59 27.87 -8.09
C LEU D 55 31.46 28.15 -9.59
N GLU D 56 32.57 27.99 -10.30
CA GLU D 56 32.61 28.17 -11.78
C GLU D 56 31.70 27.13 -12.41
N VAL D 57 31.17 27.46 -13.57
CA VAL D 57 30.02 26.74 -14.20
C VAL D 57 30.39 25.27 -14.43
N TYR D 58 31.65 24.98 -14.70
CA TYR D 58 32.10 23.62 -15.06
C TYR D 58 32.80 22.93 -13.89
N GLU D 59 32.79 23.52 -12.71
CA GLU D 59 33.52 22.93 -11.55
C GLU D 59 32.93 21.56 -11.23
N GLY D 60 31.62 21.39 -11.43
CA GLY D 60 30.96 20.11 -11.15
C GLY D 60 31.46 19.00 -12.07
N HIS D 61 31.60 19.31 -13.36
CA HIS D 61 31.96 18.30 -14.39
C HIS D 61 33.34 17.74 -14.10
N LYS D 62 34.21 18.55 -13.51
CA LYS D 62 35.62 18.18 -13.21
C LYS D 62 35.66 16.98 -12.27
N HIS D 63 34.61 16.73 -11.51
CA HIS D 63 34.56 15.60 -10.54
C HIS D 63 34.08 14.30 -11.21
N ILE D 64 33.51 14.36 -12.41
CA ILE D 64 32.70 13.22 -12.95
C ILE D 64 33.56 11.96 -12.94
N ILE D 65 34.65 11.94 -13.69
CA ILE D 65 35.36 10.66 -13.94
C ILE D 65 36.18 10.27 -12.71
N PRO D 66 36.75 11.21 -11.92
CA PRO D 66 37.29 10.83 -10.62
C PRO D 66 36.25 10.15 -9.73
N LYS D 67 35.08 10.75 -9.57
CA LYS D 67 34.04 10.15 -8.70
C LYS D 67 33.61 8.79 -9.27
N LEU D 68 33.53 8.68 -10.59
CA LEU D 68 33.17 7.40 -11.25
C LEU D 68 34.21 6.34 -10.87
N LYS D 69 35.48 6.72 -10.87
CA LYS D 69 36.56 5.78 -10.47
C LYS D 69 36.38 5.34 -9.01
N GLU D 70 36.01 6.27 -8.12
CA GLU D 70 35.70 5.95 -6.70
C GLU D 70 34.55 4.93 -6.66
N ILE D 71 33.50 5.16 -7.46
CA ILE D 71 32.30 4.27 -7.46
C ILE D 71 32.67 2.87 -7.92
N CYS D 72 33.56 2.75 -8.91
CA CYS D 72 34.01 1.42 -9.40
C CYS D 72 34.76 0.66 -8.31
N ASP D 73 35.63 1.34 -7.56
CA ASP D 73 36.43 0.69 -6.47
C ASP D 73 35.46 0.06 -5.47
N ILE D 74 34.58 0.89 -4.91
CA ILE D 74 33.58 0.43 -3.90
C ILE D 74 32.82 -0.74 -4.49
N SER D 75 32.32 -0.57 -5.72
CA SER D 75 31.40 -1.53 -6.35
C SER D 75 32.15 -2.84 -6.59
N SER D 76 33.43 -2.74 -6.98
CA SER D 76 34.24 -3.94 -7.34
C SER D 76 34.41 -4.82 -6.10
N LYS D 77 34.59 -4.20 -4.94
CA LYS D 77 34.81 -4.97 -3.68
C LYS D 77 33.50 -5.63 -3.26
N LEU D 78 32.36 -4.96 -3.46
CA LEU D 78 31.03 -5.54 -3.12
C LEU D 78 30.64 -6.64 -4.12
N GLY D 79 31.43 -6.88 -5.16
CA GLY D 79 31.24 -8.02 -6.09
C GLY D 79 30.45 -7.69 -7.35
N ILE D 80 30.16 -6.42 -7.58
CA ILE D 80 29.46 -6.00 -8.83
C ILE D 80 30.43 -6.18 -10.00
N GLN D 81 29.93 -6.68 -11.13
CA GLN D 81 30.78 -7.09 -12.27
C GLN D 81 30.76 -6.06 -13.42
N ILE D 82 29.70 -5.26 -13.56
CA ILE D 82 29.53 -4.34 -14.71
C ILE D 82 28.93 -3.01 -14.22
N ILE D 83 29.48 -1.90 -14.70
CA ILE D 83 28.85 -0.56 -14.60
C ILE D 83 28.80 0.08 -16.00
N THR D 84 27.62 0.52 -16.39
CA THR D 84 27.41 1.32 -17.62
C THR D 84 27.06 2.72 -17.16
N ALA D 85 27.87 3.72 -17.52
CA ALA D 85 27.75 5.12 -17.03
C ALA D 85 27.52 6.05 -18.20
N PHE D 86 26.52 6.91 -18.04
CA PHE D 86 26.10 7.89 -19.07
C PHE D 86 26.96 9.13 -18.88
N ALA D 87 27.87 9.40 -19.82
CA ALA D 87 28.81 10.54 -19.68
C ALA D 87 28.45 11.66 -20.64
N PHE D 88 27.91 11.34 -21.82
CA PHE D 88 27.56 12.34 -22.85
C PHE D 88 26.48 11.75 -23.76
N SER D 89 25.29 12.36 -23.76
CA SER D 89 24.16 11.83 -24.53
C SER D 89 24.18 12.41 -25.93
N THR D 90 23.38 11.79 -26.77
CA THR D 90 23.30 12.12 -28.19
C THR D 90 22.48 13.42 -28.36
N GLU D 91 21.75 13.87 -27.35
CA GLU D 91 21.01 15.17 -27.34
C GLU D 91 21.84 16.30 -26.69
N ASN D 92 22.93 15.98 -26.00
CA ASN D 92 23.74 17.02 -25.33
C ASN D 92 24.44 17.91 -26.37
N TRP D 93 24.56 17.48 -27.63
CA TRP D 93 25.08 18.35 -28.70
C TRP D 93 24.32 19.69 -28.79
N LYS D 94 23.11 19.75 -28.23
CA LYS D 94 22.23 20.94 -28.34
C LYS D 94 22.70 22.07 -27.41
N ARG D 95 23.55 21.76 -26.43
CA ARG D 95 24.13 22.80 -25.55
C ARG D 95 25.08 23.69 -26.36
N SER D 96 25.58 24.75 -25.73
CA SER D 96 26.45 25.75 -26.40
C SER D 96 27.76 25.09 -26.84
N LYS D 97 28.31 25.56 -27.96
CA LYS D 97 29.64 25.12 -28.45
C LYS D 97 30.68 25.20 -27.32
N GLU D 98 30.61 26.24 -26.50
CA GLU D 98 31.61 26.48 -25.43
C GLU D 98 31.56 25.35 -24.41
N GLU D 99 30.36 25.02 -23.92
CA GLU D 99 30.16 23.95 -22.91
C GLU D 99 30.65 22.61 -23.48
N VAL D 100 30.24 22.28 -24.69
CA VAL D 100 30.56 20.95 -25.29
C VAL D 100 32.08 20.86 -25.45
N ASP D 101 32.72 21.88 -26.01
CA ASP D 101 34.20 21.86 -26.21
C ASP D 101 34.89 21.72 -24.85
N PHE D 102 34.42 22.46 -23.85
CA PHE D 102 35.05 22.42 -22.52
C PHE D 102 34.95 21.01 -21.97
N LEU D 103 33.77 20.38 -22.05
CA LEU D 103 33.55 19.08 -21.36
C LEU D 103 34.21 17.93 -22.14
N LEU D 104 34.27 18.00 -23.47
CA LEU D 104 34.97 16.93 -24.24
C LEU D 104 36.48 17.02 -23.99
N SER D 105 37.03 18.23 -23.85
CA SER D 105 38.46 18.43 -23.50
C SER D 105 38.72 17.87 -22.09
N LEU D 106 37.84 18.20 -21.15
CA LEU D 106 37.93 17.72 -19.74
C LEU D 106 37.92 16.19 -19.71
N PHE D 107 37.01 15.55 -20.44
CA PHE D 107 36.93 14.06 -20.49
C PHE D 107 38.27 13.50 -20.94
N GLU D 108 38.81 14.05 -22.02
CA GLU D 108 40.09 13.56 -22.57
C GLU D 108 41.15 13.59 -21.46
N ARG D 109 41.26 14.72 -20.76
CA ARG D 109 42.30 14.91 -19.72
C ARG D 109 42.09 13.93 -18.56
N SER D 110 40.89 13.86 -18.00
CA SER D 110 40.59 12.97 -16.85
C SER D 110 40.84 11.51 -17.24
N LEU D 111 40.46 11.15 -18.47
CA LEU D 111 40.60 9.77 -18.95
C LEU D 111 42.09 9.41 -18.98
N LYS D 112 42.96 10.37 -19.25
CA LYS D 112 44.43 10.11 -19.25
C LYS D 112 44.96 10.07 -17.81
N THR D 113 44.49 10.96 -16.93
CA THR D 113 45.02 11.06 -15.56
C THR D 113 44.70 9.77 -14.79
N GLU D 114 43.45 9.33 -14.80
CA GLU D 114 43.06 8.08 -14.10
C GLU D 114 43.13 6.95 -15.12
N PHE D 115 42.79 5.73 -14.70
CA PHE D 115 42.67 4.53 -15.56
C PHE D 115 43.97 4.28 -16.34
N GLN D 116 45.09 4.21 -15.61
CA GLN D 116 46.44 4.11 -16.22
C GLN D 116 47.26 2.98 -15.61
N ASN D 117 46.84 2.46 -14.44
CA ASN D 117 47.19 1.12 -13.90
C ASN D 117 48.56 0.64 -14.40
N LYS D 120 47.30 -5.23 -13.72
CA LYS D 120 46.07 -6.05 -13.62
C LYS D 120 45.33 -5.70 -12.32
N ASN D 121 44.18 -6.36 -12.08
CA ASN D 121 43.34 -6.25 -10.84
C ASN D 121 42.64 -4.88 -10.81
N ASN D 122 42.53 -4.23 -11.98
CA ASN D 122 41.90 -2.88 -12.09
C ASN D 122 40.67 -3.01 -13.00
N VAL D 123 40.09 -1.85 -13.35
CA VAL D 123 38.87 -1.80 -14.19
C VAL D 123 39.27 -2.04 -15.63
N ARG D 124 38.45 -2.78 -16.36
CA ARG D 124 38.52 -2.87 -17.83
C ARG D 124 37.50 -1.93 -18.47
N ILE D 125 37.94 -1.11 -19.42
CA ILE D 125 37.18 0.06 -19.92
C ILE D 125 36.78 -0.12 -21.37
N SER D 126 35.49 0.04 -21.65
CA SER D 126 34.92 0.11 -23.01
C SER D 126 34.14 1.40 -23.16
N ILE D 127 34.07 1.90 -24.38
CA ILE D 127 33.24 3.08 -24.71
C ILE D 127 32.17 2.64 -25.68
N ILE D 128 30.93 3.10 -25.46
CA ILE D 128 29.85 2.87 -26.46
C ILE D 128 29.31 4.23 -26.89
N GLY D 129 28.86 4.30 -28.14
CA GLY D 129 28.48 5.57 -28.78
C GLY D 129 29.17 5.73 -30.11
N CYS D 130 28.90 6.84 -30.79
CA CYS D 130 29.52 7.13 -32.10
C CYS D 130 30.84 7.89 -31.87
N LYS D 131 31.97 7.19 -31.94
CA LYS D 131 33.27 7.80 -31.57
C LYS D 131 33.76 8.75 -32.67
N SER D 132 33.40 8.50 -33.92
CA SER D 132 33.88 9.31 -35.08
C SER D 132 33.50 10.79 -34.94
N ASP D 133 32.48 11.12 -34.14
CA ASP D 133 32.06 12.53 -33.96
C ASP D 133 32.98 13.25 -32.97
N LEU D 134 33.72 12.50 -32.17
CA LEU D 134 34.53 13.12 -31.11
C LEU D 134 35.78 13.71 -31.75
N PRO D 135 36.45 14.64 -31.05
CA PRO D 135 37.74 15.13 -31.50
C PRO D 135 38.75 14.00 -31.67
N MET D 136 39.61 14.15 -32.66
CA MET D 136 40.63 13.13 -33.01
C MET D 136 41.44 12.77 -31.76
N THR D 137 41.85 13.75 -30.95
CA THR D 137 42.67 13.51 -29.74
C THR D 137 41.88 12.65 -28.75
N LEU D 138 40.59 12.91 -28.60
CA LEU D 138 39.73 12.10 -27.70
C LEU D 138 39.56 10.71 -28.30
N GLN D 139 39.43 10.59 -29.62
CA GLN D 139 39.34 9.25 -30.28
C GLN D 139 40.61 8.45 -29.95
N LYS D 140 41.75 9.13 -29.97
CA LYS D 140 43.07 8.47 -29.74
C LYS D 140 43.18 8.08 -28.27
N CYS D 141 42.72 8.93 -27.36
CA CYS D 141 42.74 8.65 -25.90
C CYS D 141 41.82 7.46 -25.56
N ILE D 142 40.65 7.41 -26.17
CA ILE D 142 39.67 6.30 -26.01
C ILE D 142 40.30 4.99 -26.51
N ALA D 143 40.90 5.00 -27.69
CA ALA D 143 41.53 3.79 -28.27
C ALA D 143 42.62 3.30 -27.33
N LEU D 144 43.41 4.22 -26.76
CA LEU D 144 44.59 3.86 -25.92
C LEU D 144 44.09 3.29 -24.59
N THR D 145 43.02 3.86 -24.04
CA THR D 145 42.42 3.38 -22.77
C THR D 145 41.83 1.97 -22.97
N GLU D 146 41.07 1.76 -24.04
CA GLU D 146 40.49 0.44 -24.33
C GLU D 146 41.60 -0.59 -24.55
N GLU D 147 42.71 -0.19 -25.19
CA GLU D 147 43.85 -1.11 -25.46
C GLU D 147 44.58 -1.46 -24.15
N THR D 148 44.98 -0.47 -23.37
CA THR D 148 45.80 -0.72 -22.16
C THR D 148 45.02 -1.55 -21.14
N THR D 149 43.68 -1.49 -21.12
CA THR D 149 42.87 -2.09 -20.03
C THR D 149 42.17 -3.38 -20.48
N LYS D 150 42.28 -3.74 -21.76
CA LYS D 150 41.49 -4.88 -22.29
C LYS D 150 41.82 -6.17 -21.52
N GLY D 151 43.03 -6.29 -21.00
CA GLY D 151 43.43 -7.54 -20.29
C GLY D 151 43.04 -7.53 -18.81
N ASN D 152 42.65 -6.38 -18.28
CA ASN D 152 42.34 -6.26 -16.84
C ASN D 152 41.15 -7.17 -16.48
N LYS D 153 41.10 -7.59 -15.22
CA LYS D 153 40.20 -8.68 -14.77
C LYS D 153 39.24 -8.19 -13.71
N GLY D 154 39.29 -6.92 -13.32
CA GLY D 154 38.32 -6.39 -12.37
C GLY D 154 37.00 -6.02 -13.03
N LEU D 155 36.27 -5.10 -12.40
CA LEU D 155 34.95 -4.64 -12.90
C LEU D 155 35.11 -4.09 -14.32
N HIS D 156 34.12 -4.35 -15.16
CA HIS D 156 34.03 -3.81 -16.52
C HIS D 156 33.26 -2.48 -16.49
N LEU D 157 33.96 -1.37 -16.72
CA LEU D 157 33.31 -0.04 -16.80
C LEU D 157 33.02 0.27 -18.27
N VAL D 158 31.75 0.37 -18.62
CA VAL D 158 31.30 0.78 -19.96
C VAL D 158 30.93 2.27 -19.87
N ILE D 159 31.58 3.12 -20.65
CA ILE D 159 31.28 4.58 -20.64
C ILE D 159 30.53 4.92 -21.91
N ALA D 160 29.30 5.41 -21.77
CA ALA D 160 28.45 5.75 -22.92
C ALA D 160 28.70 7.22 -23.24
N LEU D 161 29.34 7.48 -24.38
CA LEU D 161 29.89 8.80 -24.73
C LEU D 161 29.47 9.08 -26.16
N ASN D 162 28.63 10.09 -26.35
CA ASN D 162 27.90 10.30 -27.62
C ASN D 162 27.04 9.06 -27.90
N TYR D 163 26.26 8.67 -26.88
CA TYR D 163 25.37 7.49 -26.91
C TYR D 163 23.93 7.95 -26.71
N GLY D 164 23.01 7.17 -27.25
CA GLY D 164 21.57 7.26 -26.93
C GLY D 164 20.86 5.99 -27.31
N GLY D 165 19.72 5.72 -26.69
CA GLY D 165 18.94 4.49 -26.95
C GLY D 165 18.41 4.42 -28.37
N TYR D 166 17.91 5.54 -28.90
CA TYR D 166 17.52 5.63 -30.33
C TYR D 166 18.66 5.12 -31.20
N TYR D 167 19.84 5.72 -31.02
CA TYR D 167 21.05 5.42 -31.84
C TYR D 167 21.37 3.92 -31.76
N ASP D 168 21.32 3.35 -30.57
CA ASP D 168 21.68 1.93 -30.38
C ASP D 168 20.69 1.04 -31.17
N ILE D 169 19.38 1.27 -31.02
CA ILE D 169 18.35 0.47 -31.71
C ILE D 169 18.46 0.71 -33.22
N LEU D 170 18.74 1.96 -33.63
CA LEU D 170 18.80 2.31 -35.08
C LEU D 170 19.98 1.60 -35.72
N GLN D 171 21.14 1.58 -35.08
CA GLN D 171 22.35 0.96 -35.68
C GLN D 171 22.18 -0.58 -35.69
N ALA D 172 21.53 -1.17 -34.68
CA ALA D 172 21.24 -2.62 -34.71
C ALA D 172 20.32 -2.93 -35.90
N THR D 173 19.31 -2.07 -36.14
CA THR D 173 18.37 -2.24 -37.26
C THR D 173 19.13 -2.15 -38.59
N LYS D 174 20.02 -1.17 -38.72
CA LYS D 174 20.76 -1.02 -40.00
C LYS D 174 21.61 -2.26 -40.27
N SER D 175 22.22 -2.81 -39.23
CA SER D 175 23.14 -3.97 -39.36
C SER D 175 22.32 -5.18 -39.81
N ILE D 176 21.15 -5.39 -39.19
CA ILE D 176 20.24 -6.51 -39.55
C ILE D 176 19.74 -6.32 -40.98
N VAL D 177 19.35 -5.11 -41.35
CA VAL D 177 18.87 -4.87 -42.75
C VAL D 177 19.99 -5.22 -43.73
N ASN D 178 21.22 -4.78 -43.46
CA ASN D 178 22.36 -5.07 -44.36
C ASN D 178 22.55 -6.59 -44.53
N LYS D 179 22.58 -7.34 -43.44
CA LYS D 179 22.73 -8.81 -43.52
C LYS D 179 21.60 -9.41 -44.37
N ALA D 180 20.36 -9.03 -44.12
CA ALA D 180 19.20 -9.52 -44.90
C ALA D 180 19.39 -9.19 -46.40
N MET D 181 19.81 -7.98 -46.69
CA MET D 181 20.07 -7.54 -48.08
C MET D 181 21.05 -8.51 -48.73
N ASN D 182 22.04 -8.99 -47.99
CA ASN D 182 23.18 -9.75 -48.58
C ASN D 182 22.94 -11.26 -48.47
N GLY D 183 21.75 -11.69 -48.09
CA GLY D 183 21.40 -13.12 -48.04
C GLY D 183 21.95 -13.83 -46.81
N LEU D 184 22.47 -13.08 -45.83
CA LEU D 184 23.19 -13.64 -44.67
C LEU D 184 22.24 -13.98 -43.53
N LEU D 185 20.99 -13.50 -43.58
CA LEU D 185 19.96 -13.94 -42.62
C LEU D 185 18.58 -13.77 -43.26
N ASP D 186 17.62 -14.49 -42.72
CA ASP D 186 16.23 -14.44 -43.21
C ASP D 186 15.41 -13.56 -42.27
N VAL D 187 14.41 -12.89 -42.83
CA VAL D 187 13.51 -11.99 -42.06
C VAL D 187 12.87 -12.78 -40.92
N GLU D 188 12.68 -14.09 -41.09
CA GLU D 188 11.98 -14.93 -40.07
C GLU D 188 12.90 -15.28 -38.88
N ASP D 189 14.21 -15.09 -39.00
CA ASP D 189 15.18 -15.35 -37.90
C ASP D 189 15.23 -14.16 -36.92
N ILE D 190 14.58 -13.04 -37.23
CA ILE D 190 14.71 -11.81 -36.42
C ILE D 190 13.90 -12.01 -35.15
N ASN D 191 14.59 -12.14 -34.02
CA ASN D 191 13.94 -12.31 -32.70
C ASN D 191 14.69 -11.50 -31.66
N LYS D 192 14.22 -11.56 -30.43
CA LYS D 192 14.82 -10.83 -29.27
C LYS D 192 16.33 -11.12 -29.22
N ASN D 193 16.75 -12.38 -29.36
CA ASN D 193 18.16 -12.80 -29.17
C ASN D 193 19.07 -12.24 -30.26
N LEU D 194 18.65 -12.34 -31.51
CA LEU D 194 19.47 -11.80 -32.63
C LEU D 194 19.61 -10.28 -32.45
N PHE D 195 18.52 -9.62 -32.07
CA PHE D 195 18.53 -8.15 -31.88
C PHE D 195 19.50 -7.78 -30.76
N ASP D 196 19.39 -8.51 -29.65
CA ASP D 196 20.26 -8.27 -28.49
C ASP D 196 21.73 -8.38 -28.91
N GLN D 197 22.06 -9.35 -29.74
CA GLN D 197 23.47 -9.54 -30.16
C GLN D 197 23.91 -8.37 -31.06
N GLU D 198 22.99 -7.61 -31.64
CA GLU D 198 23.39 -6.50 -32.54
C GLU D 198 23.55 -5.16 -31.80
N LEU D 199 23.04 -5.04 -30.56
CA LEU D 199 23.13 -3.78 -29.78
C LEU D 199 24.52 -3.60 -29.18
N GLU D 200 24.84 -2.39 -28.74
CA GLU D 200 26.18 -2.04 -28.20
C GLU D 200 26.25 -2.38 -26.70
N SER D 201 25.13 -2.26 -25.98
CA SER D 201 25.00 -2.77 -24.61
C SER D 201 24.21 -4.07 -24.67
N LYS D 202 24.87 -5.19 -24.33
CA LYS D 202 24.32 -6.56 -24.54
C LYS D 202 24.01 -7.23 -23.20
N CYS D 203 23.44 -8.42 -23.30
CA CYS D 203 23.23 -9.32 -22.11
C CYS D 203 24.56 -9.55 -21.43
N PRO D 204 24.62 -9.51 -20.07
CA PRO D 204 23.44 -9.31 -19.22
C PRO D 204 23.05 -7.83 -19.04
N ASN D 205 21.76 -7.56 -18.98
CA ASN D 205 21.20 -6.19 -18.88
C ASN D 205 21.27 -5.70 -17.44
N PRO D 206 21.20 -4.37 -17.23
CA PRO D 206 21.29 -3.80 -15.89
C PRO D 206 20.20 -4.28 -14.93
N ASP D 207 20.61 -4.72 -13.75
CA ASP D 207 19.69 -5.11 -12.66
C ASP D 207 19.17 -3.85 -11.94
N LEU D 208 20.05 -2.85 -11.77
CA LEU D 208 19.68 -1.61 -11.06
C LEU D 208 20.09 -0.43 -11.94
N LEU D 209 19.26 0.61 -11.93
CA LEU D 209 19.61 1.92 -12.52
C LEU D 209 19.61 2.95 -11.39
N ILE D 210 20.70 3.70 -11.25
CA ILE D 210 20.81 4.85 -10.30
C ILE D 210 20.86 6.13 -11.13
N ARG D 211 19.92 7.03 -10.90
CA ARG D 211 20.00 8.39 -11.47
C ARG D 211 20.12 9.40 -10.33
N THR D 212 21.29 10.02 -10.23
CA THR D 212 21.54 11.20 -9.39
C THR D 212 20.92 12.43 -10.04
N GLY D 213 20.68 13.47 -9.25
CA GLY D 213 20.37 14.82 -9.76
C GLY D 213 18.88 15.16 -9.73
N GLY D 214 18.04 14.33 -9.12
CA GLY D 214 16.66 14.73 -8.78
C GLY D 214 15.62 14.47 -9.85
N GLU D 215 16.00 14.17 -11.09
CA GLU D 215 15.01 14.00 -12.19
C GLU D 215 14.54 12.54 -12.22
N GLN D 216 13.25 12.34 -12.51
CA GLN D 216 12.65 10.99 -12.62
C GLN D 216 12.33 10.74 -14.09
N ARG D 217 13.35 10.29 -14.81
CA ARG D 217 13.29 10.06 -16.27
C ARG D 217 14.58 9.36 -16.65
N VAL D 218 14.59 8.89 -17.89
CA VAL D 218 15.67 8.01 -18.41
C VAL D 218 16.52 8.76 -19.43
N SER D 219 15.98 9.82 -20.05
CA SER D 219 16.70 10.71 -20.99
C SER D 219 17.45 9.90 -22.06
N ASN D 220 16.77 8.96 -22.71
CA ASN D 220 17.30 8.29 -23.93
C ASN D 220 18.60 7.56 -23.58
N PHE D 221 18.69 7.00 -22.37
CA PHE D 221 19.79 6.09 -22.00
C PHE D 221 19.49 4.73 -22.63
N LEU D 222 19.56 3.63 -21.87
CA LEU D 222 19.57 2.25 -22.42
C LEU D 222 18.13 1.75 -22.57
N LEU D 223 17.40 2.27 -23.54
CA LEU D 223 15.94 2.03 -23.66
C LEU D 223 15.62 0.53 -23.73
N TRP D 224 16.18 -0.21 -24.69
CA TRP D 224 15.88 -1.67 -24.83
C TRP D 224 16.32 -2.41 -23.56
N GLN D 225 17.47 -2.02 -23.01
CA GLN D 225 18.19 -2.81 -22.00
C GLN D 225 17.57 -2.64 -20.61
N LEU D 226 16.71 -1.64 -20.42
CA LEU D 226 16.13 -1.32 -19.09
C LEU D 226 14.71 -1.90 -18.94
N ALA D 227 14.25 -2.72 -19.88
CA ALA D 227 12.88 -3.31 -19.89
C ALA D 227 12.47 -3.80 -18.49
N TYR D 228 13.34 -4.48 -17.76
CA TYR D 228 12.96 -5.00 -16.42
C TYR D 228 13.92 -4.54 -15.34
N THR D 229 14.69 -3.49 -15.59
CA THR D 229 15.66 -2.95 -14.62
C THR D 229 14.88 -2.27 -13.48
N GLU D 230 15.37 -2.41 -12.26
CA GLU D 230 14.81 -1.71 -11.06
C GLU D 230 15.37 -0.29 -11.03
N PHE D 231 14.50 0.71 -10.91
CA PHE D 231 14.89 2.14 -10.97
C PHE D 231 15.10 2.68 -9.56
N TYR D 232 16.18 3.44 -9.36
CA TYR D 232 16.46 4.21 -8.12
C TYR D 232 16.83 5.65 -8.48
N PHE D 233 15.97 6.58 -8.10
CA PHE D 233 16.14 8.04 -8.32
C PHE D 233 16.53 8.70 -7.02
N THR D 234 17.59 9.52 -7.04
CA THR D 234 18.07 10.26 -5.85
C THR D 234 18.19 11.75 -6.15
N ASN D 235 17.90 12.56 -5.15
CA ASN D 235 17.98 14.04 -5.26
C ASN D 235 19.43 14.48 -5.09
N THR D 236 20.28 13.64 -4.49
CA THR D 236 21.74 13.90 -4.38
C THR D 236 22.33 14.24 -5.76
N LEU D 237 22.97 15.41 -5.88
CA LEU D 237 23.71 15.80 -7.10
C LEU D 237 24.93 14.90 -7.22
N PHE D 238 25.39 14.66 -8.44
CA PHE D 238 26.41 13.61 -8.70
C PHE D 238 27.71 13.88 -7.96
N PRO D 239 28.24 15.13 -7.93
CA PRO D 239 29.46 15.39 -7.16
C PRO D 239 29.38 15.03 -5.68
N ASP D 240 28.18 14.95 -5.09
CA ASP D 240 28.00 14.61 -3.65
C ASP D 240 27.70 13.12 -3.45
N PHE D 241 27.71 12.30 -4.50
CA PHE D 241 27.30 10.88 -4.39
C PHE D 241 28.50 10.07 -3.91
N GLY D 242 28.47 9.65 -2.64
CA GLY D 242 29.59 8.86 -2.10
C GLY D 242 29.20 7.45 -1.77
N GLU D 243 30.10 6.77 -1.05
CA GLU D 243 29.99 5.34 -0.69
C GLU D 243 28.71 5.07 0.10
N GLU D 244 28.34 5.97 1.00
CA GLU D 244 27.10 5.80 1.82
C GLU D 244 25.87 5.84 0.90
N ASP D 245 25.86 6.74 -0.08
CA ASP D 245 24.71 6.91 -0.99
C ASP D 245 24.59 5.67 -1.88
N LEU D 246 25.71 5.14 -2.36
CA LEU D 246 25.74 3.89 -3.16
C LEU D 246 25.28 2.72 -2.29
N LYS D 247 25.68 2.69 -1.03
CA LYS D 247 25.27 1.57 -0.12
C LYS D 247 23.77 1.63 0.09
N GLU D 248 23.21 2.82 0.26
CA GLU D 248 21.75 3.03 0.40
C GLU D 248 21.04 2.50 -0.85
N ALA D 249 21.53 2.85 -2.04
CA ALA D 249 20.90 2.42 -3.31
C ALA D 249 20.94 0.89 -3.42
N ILE D 250 22.04 0.24 -3.06
CA ILE D 250 22.12 -1.25 -3.17
C ILE D 250 21.16 -1.89 -2.15
N MET D 251 21.08 -1.37 -0.94
CA MET D 251 20.17 -1.96 0.08
C MET D 251 18.74 -1.80 -0.40
N ASN D 252 18.42 -0.63 -0.96
CA ASN D 252 17.06 -0.36 -1.49
C ASN D 252 16.74 -1.41 -2.54
N PHE D 253 17.64 -1.62 -3.50
CA PHE D 253 17.49 -2.68 -4.53
C PHE D 253 17.16 -4.01 -3.85
N GLN D 254 17.89 -4.33 -2.79
CA GLN D 254 17.81 -5.67 -2.17
C GLN D 254 16.43 -5.90 -1.53
N GLN D 255 15.69 -4.84 -1.23
CA GLN D 255 14.33 -4.96 -0.63
C GLN D 255 13.25 -5.11 -1.71
N ARG D 256 13.60 -5.19 -2.99
CA ARG D 256 12.59 -5.21 -4.07
C ARG D 256 12.31 -6.63 -4.52
N HIS D 257 11.07 -6.87 -4.95
CA HIS D 257 10.61 -8.17 -5.49
C HIS D 257 10.42 -8.07 -7.00
N ARG D 258 11.25 -8.81 -7.74
CA ARG D 258 11.26 -8.82 -9.22
C ARG D 258 10.43 -10.00 -9.69
N ARG D 259 9.37 -9.75 -10.48
CA ARG D 259 8.42 -10.80 -10.92
C ARG D 259 8.49 -11.06 -12.43
N PHE D 260 8.95 -10.11 -13.23
CA PHE D 260 9.21 -10.33 -14.68
C PHE D 260 7.93 -10.78 -15.36
N GLY D 261 6.81 -10.24 -14.91
CA GLY D 261 5.50 -10.54 -15.52
C GLY D 261 4.87 -11.82 -15.01
N GLY D 262 5.56 -12.61 -14.16
CA GLY D 262 5.04 -13.90 -13.66
C GLY D 262 4.46 -13.79 -12.27
N HIS D 263 3.90 -14.89 -11.78
CA HIS D 263 3.16 -14.98 -10.50
C HIS D 263 3.55 -16.25 -9.75
N THR D 264 3.60 -16.17 -8.43
CA THR D 264 3.67 -17.37 -7.54
C THR D 264 2.39 -17.46 -6.71
PA GST E . -21.00 6.24 4.31
O1A GST E . -21.12 5.70 2.90
O2A GST E . -20.14 5.38 5.18
O3A GST E . -20.64 7.70 4.40
O1B GST E . -22.49 6.09 4.88
PB GST E . -23.02 6.37 6.35
O2B GST E . -21.86 6.58 7.29
O3B GST E . -24.02 7.48 6.34
S1 GST E . -23.91 4.52 6.72
C1 GST E . -23.48 4.27 8.46
C2 GST E . -24.08 5.31 9.33
C3 GST E . -25.36 5.37 9.66
C10 GST E . -26.39 4.38 9.17
C4 GST E . -25.90 6.45 10.54
C5 GST E . -27.10 7.15 9.94
C6 GST E . -27.37 8.49 10.56
C7 GST E . -28.41 8.86 11.29
C9 GST E . -28.60 10.28 11.75
C8 GST E . -29.47 7.91 11.74
C1 IPE F . -21.04 3.66 11.12
O1 IPE F . -19.74 4.17 11.19
C2 IPE F . -21.80 4.05 12.34
C3 IPE F . -23.16 3.43 12.25
C4 IPE F . -23.39 2.40 11.43
C5 IPE F . -24.24 4.06 13.07
PA IPE F . -19.47 5.68 10.76
O1A IPE F . -20.06 6.65 11.73
O2A IPE F . -19.69 5.82 9.29
O3A IPE F . -17.92 5.61 11.12
PB IPE F . -16.57 6.30 10.65
O1B IPE F . -16.39 5.79 9.24
O2B IPE F . -15.52 5.80 11.62
O3B IPE F . -16.81 7.79 10.77
MG MG G . -20.04 5.58 7.20
MG MG H . -1.29 -16.50 19.86
C1 IPE I . -2.63 -12.08 22.89
O1 IPE I . -2.55 -13.03 21.80
C2 IPE I . -1.71 -10.94 22.67
C3 IPE I . -0.30 -11.10 23.15
C4 IPE I . 0.03 -11.16 24.42
C5 IPE I . 0.74 -11.07 22.07
PA IPE I . -3.15 -14.51 22.08
O1A IPE I . -2.44 -15.52 21.24
O2A IPE I . -3.24 -14.72 23.56
O3A IPE I . -4.62 -14.30 21.51
PB IPE I . -5.77 -15.34 21.12
O1B IPE I . -5.80 -16.35 22.24
O2B IPE I . -5.30 -15.91 19.83
O3B IPE I . -7.05 -14.53 20.99
C1 IPE J . 2.92 -14.73 21.41
O1 IPE J . 2.46 -15.70 20.45
C2 IPE J . 1.82 -14.33 22.36
C3 IPE J . 2.34 -13.93 23.73
C4 IPE J . 3.34 -13.06 23.87
C5 IPE J . 1.68 -14.59 24.90
PA IPE J . 1.66 -16.99 20.98
O1A IPE J . 2.30 -17.51 22.22
O2A IPE J . 0.21 -16.65 21.06
O3A IPE J . 1.88 -18.01 19.77
PB IPE J . 0.82 -18.48 18.68
O1B IPE J . -0.02 -17.27 18.39
O2B IPE J . 1.63 -18.90 17.46
O3B IPE J . 0.01 -19.61 19.32
C1 IPE K . 3.03 -5.33 -16.15
O1 IPE K . 2.88 -5.47 -14.71
C2 IPE K . 2.17 -4.24 -16.62
C3 IPE K . 0.71 -4.56 -16.72
C4 IPE K . -0.19 -3.86 -16.04
C5 IPE K . 0.33 -5.60 -17.71
PA IPE K . 3.45 -6.82 -14.08
O1A IPE K . 3.42 -7.89 -15.11
O2A IPE K . 2.79 -7.06 -12.76
O3A IPE K . 4.99 -6.43 -13.89
PB IPE K . 6.18 -6.93 -12.95
O1B IPE K . 6.21 -8.44 -13.00
O2B IPE K . 7.45 -6.31 -13.49
O3B IPE K . 5.81 -6.41 -11.57
PA GST L . -0.11 -7.61 -8.73
O1A GST L . -0.74 -7.13 -7.45
O2A GST L . 0.85 -6.58 -9.28
O3A GST L . 0.47 -8.99 -8.66
O1B GST L . -1.32 -7.73 -9.82
PB GST L . -1.28 -7.88 -11.41
O2B GST L . 0.15 -7.93 -11.86
O3B GST L . -2.10 -9.05 -11.85
S1 GST L . -2.15 -6.14 -12.05
C1 GST L . -1.11 -5.87 -13.52
C2 GST L . -1.28 -6.96 -14.52
C3 GST L . -2.33 -7.10 -15.32
C10 GST L . -3.51 -6.17 -15.28
C4 GST L . -2.42 -8.20 -16.33
C5 GST L . -3.54 -9.17 -16.08
C6 GST L . -3.97 -9.91 -17.32
C7 GST L . -3.79 -11.19 -17.63
C9 GST L . -2.98 -12.13 -16.79
C8 GST L . -4.43 -11.82 -18.83
MG MG M . 1.72 -6.79 -11.12
MG MG N . 21.11 17.51 -16.33
C1 IPE O . 21.35 12.96 -19.68
O1 IPE O . 21.18 13.93 -18.63
C2 IPE O . 22.18 11.87 -19.16
C3 IPE O . 23.62 12.21 -18.94
C4 IPE O . 24.47 12.36 -19.92
C5 IPE O . 24.03 12.27 -17.50
PA IPE O . 20.56 15.32 -19.07
O1A IPE O . 20.90 16.32 -18.01
O2A IPE O . 20.96 15.51 -20.49
O3A IPE O . 19.00 14.97 -19.05
PB IPE O . 17.70 15.87 -19.09
O1B IPE O . 17.99 17.01 -20.06
O2B IPE O . 17.58 16.31 -17.64
O3B IPE O . 16.53 15.01 -19.55
PA GST P . 22.52 19.80 -14.67
O1A GST P . 21.61 18.60 -14.71
O2A GST P . 22.77 20.29 -13.26
O3A GST P . 22.11 20.90 -15.64
O1B GST P . 23.96 19.28 -15.15
PB GST P . 24.35 18.29 -16.32
O2B GST P . 25.37 18.96 -17.18
O3B GST P . 23.10 17.77 -16.98
S1 GST P . 25.30 16.71 -15.46
C1 GST P . 25.13 15.36 -16.66
C2 GST P . 25.59 15.77 -18.03
C3 GST P . 26.71 15.34 -18.60
C10 GST P . 27.67 14.40 -17.92
C4 GST P . 27.13 15.80 -19.96
C5 GST P . 28.40 16.61 -19.91
C6 GST P . 29.20 16.64 -21.19
C7 GST P . 29.04 17.41 -22.25
C9 GST P . 27.88 18.34 -22.41
C8 GST P . 30.02 17.44 -23.38
#